data_1VTA
# 
_entry.id   1VTA 
# 
_audit_conform.dict_name       mmcif_pdbx.dic 
_audit_conform.dict_version    5.383 
_audit_conform.dict_location   http://mmcif.pdb.org/dictionaries/ascii/mmcif_pdbx.dic 
# 
loop_
_database_2.database_id 
_database_2.database_code 
_database_2.pdbx_database_accession 
_database_2.pdbx_DOI 
PDB   1VTA         pdb_00001vta 10.2210/pdb1vta/pdb 
NDB   ADH031       ?            ?                   
RCSB  RCSB003034   ?            ?                   
WWPDB D_1000003034 ?            ?                   
# 
loop_
_pdbx_audit_revision_history.ordinal 
_pdbx_audit_revision_history.data_content_type 
_pdbx_audit_revision_history.major_revision 
_pdbx_audit_revision_history.minor_revision 
_pdbx_audit_revision_history.revision_date 
1 'Structure model' 1 0 2011-07-13 
2 'Structure model' 1 1 2013-03-20 
3 'Structure model' 1 2 2023-12-27 
# 
_pdbx_audit_revision_details.ordinal             1 
_pdbx_audit_revision_details.revision_ordinal    1 
_pdbx_audit_revision_details.data_content_type   'Structure model' 
_pdbx_audit_revision_details.provider            repository 
_pdbx_audit_revision_details.type                'Initial release' 
_pdbx_audit_revision_details.description         ? 
_pdbx_audit_revision_details.details             ? 
# 
loop_
_pdbx_audit_revision_group.ordinal 
_pdbx_audit_revision_group.revision_ordinal 
_pdbx_audit_revision_group.data_content_type 
_pdbx_audit_revision_group.group 
1 2 'Structure model' 'Database references' 
2 2 'Structure model' Other                 
3 3 'Structure model' 'Data collection'     
4 3 'Structure model' 'Database references' 
# 
loop_
_pdbx_audit_revision_category.ordinal 
_pdbx_audit_revision_category.revision_ordinal 
_pdbx_audit_revision_category.data_content_type 
_pdbx_audit_revision_category.category 
1 3 'Structure model' chem_comp_atom 
2 3 'Structure model' chem_comp_bond 
3 3 'Structure model' database_2     
# 
loop_
_pdbx_audit_revision_item.ordinal 
_pdbx_audit_revision_item.revision_ordinal 
_pdbx_audit_revision_item.data_content_type 
_pdbx_audit_revision_item.item 
1 3 'Structure model' '_database_2.pdbx_DOI'                
2 3 'Structure model' '_database_2.pdbx_database_accession' 
# 
_pdbx_database_status.status_code                     REL 
_pdbx_database_status.entry_id                        1VTA 
_pdbx_database_status.recvd_initial_deposition_date   1991-04-11 
_pdbx_database_status.deposit_site                    RCSB 
_pdbx_database_status.process_site                    RCSB 
_pdbx_database_status.SG_entry                        ? 
_pdbx_database_status.status_code_sf                  ? 
_pdbx_database_status.status_code_mr                  ? 
_pdbx_database_status.status_code_cs                  ? 
_pdbx_database_status.methods_development_category    ? 
_pdbx_database_status.pdb_format_compatible           Y 
_pdbx_database_status.status_code_nmr_data            ? 
# 
loop_
_audit_author.name 
_audit_author.pdbx_ordinal 
'Eisenstein, M.' 1 
'Frolow, F.'     2 
'Shakked, Z.'    3 
'Rabinovich, D.' 4 
# 
_citation.id                        primary 
_citation.title                     
'The structure and hydration of the A-DNA fragment d(GGGTACCC) at room temperature and low temperature.' 
_citation.journal_abbrev            'Nucleic Acids Res.' 
_citation.journal_volume            18 
_citation.page_first                3185 
_citation.page_last                 3194 
_citation.year                      1990 
_citation.journal_id_ASTM           NARHAD 
_citation.country                   UK 
_citation.journal_id_ISSN           0305-1048 
_citation.journal_id_CSD            0389 
_citation.book_publisher            ? 
_citation.pdbx_database_id_PubMed   2356117 
_citation.pdbx_database_id_DOI      ? 
# 
loop_
_citation_author.citation_id 
_citation_author.name 
_citation_author.ordinal 
_citation_author.identifier_ORCID 
primary 'Eisenstein, M.' 1 ? 
primary 'Frolow, F.'     2 ? 
primary 'Shakked, Z.'    3 ? 
primary 'Rabinovich, D.' 4 ? 
# 
loop_
_entity.id 
_entity.type 
_entity.src_method 
_entity.pdbx_description 
_entity.formula_weight 
_entity.pdbx_number_of_molecules 
_entity.pdbx_ec 
_entity.pdbx_mutation 
_entity.pdbx_fragment 
_entity.details 
1 polymer syn 
;DNA (5'-D(*GP*GP*GP*TP*AP*CP*CP*C)-3')
;
2427.605 2  ? ? ? ? 
2 water   nat water                                    18.015   77 ? ? ? ? 
# 
_entity_poly.entity_id                      1 
_entity_poly.type                           polydeoxyribonucleotide 
_entity_poly.nstd_linkage                   no 
_entity_poly.nstd_monomer                   no 
_entity_poly.pdbx_seq_one_letter_code       '(DG)(DG)(DG)(DT)(DA)(DC)(DC)(DC)' 
_entity_poly.pdbx_seq_one_letter_code_can   GGGTACCC 
_entity_poly.pdbx_strand_id                 A,B 
_entity_poly.pdbx_target_identifier         ? 
# 
_pdbx_entity_nonpoly.entity_id   2 
_pdbx_entity_nonpoly.name        water 
_pdbx_entity_nonpoly.comp_id     HOH 
# 
loop_
_entity_poly_seq.entity_id 
_entity_poly_seq.num 
_entity_poly_seq.mon_id 
_entity_poly_seq.hetero 
1 1 DG n 
1 2 DG n 
1 3 DG n 
1 4 DT n 
1 5 DA n 
1 6 DC n 
1 7 DC n 
1 8 DC n 
# 
loop_
_chem_comp.id 
_chem_comp.type 
_chem_comp.mon_nstd_flag 
_chem_comp.name 
_chem_comp.pdbx_synonyms 
_chem_comp.formula 
_chem_comp.formula_weight 
DA  'DNA linking' y "2'-DEOXYADENOSINE-5'-MONOPHOSPHATE" ? 'C10 H14 N5 O6 P' 331.222 
DC  'DNA linking' y "2'-DEOXYCYTIDINE-5'-MONOPHOSPHATE"  ? 'C9 H14 N3 O7 P'  307.197 
DG  'DNA linking' y "2'-DEOXYGUANOSINE-5'-MONOPHOSPHATE" ? 'C10 H14 N5 O7 P' 347.221 
DT  'DNA linking' y "THYMIDINE-5'-MONOPHOSPHATE"         ? 'C10 H15 N2 O8 P' 322.208 
HOH non-polymer   . WATER                                ? 'H2 O'            18.015  
# 
loop_
_pdbx_poly_seq_scheme.asym_id 
_pdbx_poly_seq_scheme.entity_id 
_pdbx_poly_seq_scheme.seq_id 
_pdbx_poly_seq_scheme.mon_id 
_pdbx_poly_seq_scheme.ndb_seq_num 
_pdbx_poly_seq_scheme.pdb_seq_num 
_pdbx_poly_seq_scheme.auth_seq_num 
_pdbx_poly_seq_scheme.pdb_mon_id 
_pdbx_poly_seq_scheme.auth_mon_id 
_pdbx_poly_seq_scheme.pdb_strand_id 
_pdbx_poly_seq_scheme.pdb_ins_code 
_pdbx_poly_seq_scheme.hetero 
A 1 1 DG 1 1  1  DG G A . n 
A 1 2 DG 2 2  2  DG G A . n 
A 1 3 DG 3 3  3  DG G A . n 
A 1 4 DT 4 4  4  DT T A . n 
A 1 5 DA 5 5  5  DA A A . n 
A 1 6 DC 6 6  6  DC C A . n 
A 1 7 DC 7 7  7  DC C A . n 
A 1 8 DC 8 8  8  DC C A . n 
B 1 1 DG 1 9  9  DG G B . n 
B 1 2 DG 2 10 10 DG G B . n 
B 1 3 DG 3 11 11 DG G B . n 
B 1 4 DT 4 12 12 DT T B . n 
B 1 5 DA 5 13 13 DA A B . n 
B 1 6 DC 6 14 14 DC C B . n 
B 1 7 DC 7 15 15 DC C B . n 
B 1 8 DC 8 16 16 DC C B . n 
# 
loop_
_pdbx_nonpoly_scheme.asym_id 
_pdbx_nonpoly_scheme.entity_id 
_pdbx_nonpoly_scheme.mon_id 
_pdbx_nonpoly_scheme.ndb_seq_num 
_pdbx_nonpoly_scheme.pdb_seq_num 
_pdbx_nonpoly_scheme.auth_seq_num 
_pdbx_nonpoly_scheme.pdb_mon_id 
_pdbx_nonpoly_scheme.auth_mon_id 
_pdbx_nonpoly_scheme.pdb_strand_id 
_pdbx_nonpoly_scheme.pdb_ins_code 
C 2 HOH 1  17 17 HOH HOH A . 
C 2 HOH 2  18 18 HOH HOH A . 
C 2 HOH 3  21 21 HOH HOH A . 
C 2 HOH 4  22 22 HOH HOH A . 
C 2 HOH 5  23 23 HOH HOH A . 
C 2 HOH 6  24 24 HOH HOH A . 
C 2 HOH 7  26 26 HOH HOH A . 
C 2 HOH 8  29 29 HOH HOH A . 
C 2 HOH 9  30 30 HOH HOH A . 
C 2 HOH 10 31 31 HOH HOH A . 
C 2 HOH 11 35 35 HOH HOH A . 
C 2 HOH 12 36 36 HOH HOH A . 
C 2 HOH 13 37 37 HOH HOH A . 
C 2 HOH 14 38 38 HOH HOH A . 
C 2 HOH 15 40 40 HOH HOH A . 
C 2 HOH 16 42 42 HOH HOH A . 
C 2 HOH 17 48 48 HOH HOH A . 
C 2 HOH 18 49 49 HOH HOH A . 
C 2 HOH 19 50 50 HOH HOH A . 
C 2 HOH 20 55 55 HOH HOH A . 
C 2 HOH 21 56 56 HOH HOH A . 
C 2 HOH 22 59 59 HOH HOH A . 
C 2 HOH 23 65 65 HOH HOH A . 
C 2 HOH 24 67 67 HOH HOH A . 
C 2 HOH 25 68 68 HOH HOH A . 
C 2 HOH 26 69 69 HOH HOH A . 
C 2 HOH 27 73 73 HOH HOH A . 
C 2 HOH 28 74 74 HOH HOH A . 
C 2 HOH 29 75 75 HOH HOH A . 
C 2 HOH 30 86 86 HOH HOH A . 
C 2 HOH 31 88 88 HOH HOH A . 
C 2 HOH 32 89 89 HOH HOH A . 
D 2 HOH 1  19 19 HOH HOH B . 
D 2 HOH 2  20 20 HOH HOH B . 
D 2 HOH 3  25 25 HOH HOH B . 
D 2 HOH 4  27 27 HOH HOH B . 
D 2 HOH 5  28 28 HOH HOH B . 
D 2 HOH 6  32 32 HOH HOH B . 
D 2 HOH 7  33 33 HOH HOH B . 
D 2 HOH 8  34 34 HOH HOH B . 
D 2 HOH 9  39 39 HOH HOH B . 
D 2 HOH 10 41 41 HOH HOH B . 
D 2 HOH 11 43 43 HOH HOH B . 
D 2 HOH 12 44 44 HOH HOH B . 
D 2 HOH 13 45 45 HOH HOH B . 
D 2 HOH 14 46 46 HOH HOH B . 
D 2 HOH 15 47 47 HOH HOH B . 
D 2 HOH 16 51 51 HOH HOH B . 
D 2 HOH 17 52 52 HOH HOH B . 
D 2 HOH 18 53 53 HOH HOH B . 
D 2 HOH 19 54 54 HOH HOH B . 
D 2 HOH 20 57 57 HOH HOH B . 
D 2 HOH 21 58 58 HOH HOH B . 
D 2 HOH 22 60 60 HOH HOH B . 
D 2 HOH 23 61 61 HOH HOH B . 
D 2 HOH 24 62 62 HOH HOH B . 
D 2 HOH 25 63 63 HOH HOH B . 
D 2 HOH 26 64 64 HOH HOH B . 
D 2 HOH 27 66 66 HOH HOH B . 
D 2 HOH 28 70 70 HOH HOH B . 
D 2 HOH 29 71 71 HOH HOH B . 
D 2 HOH 30 72 72 HOH HOH B . 
D 2 HOH 31 76 76 HOH HOH B . 
D 2 HOH 32 77 77 HOH HOH B . 
D 2 HOH 33 78 78 HOH HOH B . 
D 2 HOH 34 79 79 HOH HOH B . 
D 2 HOH 35 80 80 HOH HOH B . 
D 2 HOH 36 81 81 HOH HOH B . 
D 2 HOH 37 82 82 HOH HOH B . 
D 2 HOH 38 83 83 HOH HOH B . 
D 2 HOH 39 84 84 HOH HOH B . 
D 2 HOH 40 85 85 HOH HOH B . 
D 2 HOH 41 87 87 HOH HOH B . 
D 2 HOH 42 90 90 HOH HOH B . 
D 2 HOH 43 91 91 HOH HOH B . 
D 2 HOH 44 92 92 HOH HOH B . 
D 2 HOH 45 93 93 HOH HOH B . 
# 
_software.name             NUCLSQ 
_software.classification   refinement 
_software.version          . 
_software.citation_id      ? 
_software.pdbx_ordinal     1 
# 
_cell.entry_id           1VTA 
_cell.length_a           46.060 
_cell.length_b           46.060 
_cell.length_c           44.090 
_cell.angle_alpha        90.00 
_cell.angle_beta         90.00 
_cell.angle_gamma        120.00 
_cell.Z_PDB              12 
_cell.pdbx_unique_axis   ? 
_cell.length_a_esd       ? 
_cell.length_b_esd       ? 
_cell.length_c_esd       ? 
_cell.angle_alpha_esd    ? 
_cell.angle_beta_esd     ? 
_cell.angle_gamma_esd    ? 
# 
_symmetry.entry_id                         1VTA 
_symmetry.space_group_name_H-M             'P 61' 
_symmetry.pdbx_full_space_group_name_H-M   ? 
_symmetry.cell_setting                     ? 
_symmetry.Int_Tables_number                169 
_symmetry.space_group_name_Hall            ? 
# 
_exptl.entry_id          1VTA 
_exptl.method            'X-RAY DIFFRACTION' 
_exptl.crystals_number   ? 
# 
_exptl_crystal.id                    1 
_exptl_crystal.density_meas          ? 
_exptl_crystal.density_percent_sol   55.77 
_exptl_crystal.density_Matthews      2.78 
_exptl_crystal.description           ? 
_exptl_crystal.F_000                 ? 
_exptl_crystal.preparation           ? 
# 
_exptl_crystal_grow.crystal_id      1 
_exptl_crystal_grow.method          ? 
_exptl_crystal_grow.temp            277.00 
_exptl_crystal_grow.temp_details    ? 
_exptl_crystal_grow.pH              ? 
_exptl_crystal_grow.pdbx_details    277.00K 
_exptl_crystal_grow.pdbx_pH_range   ? 
# 
loop_
_exptl_crystal_grow_comp.crystal_id 
_exptl_crystal_grow_comp.id 
_exptl_crystal_grow_comp.sol_id 
_exptl_crystal_grow_comp.name 
_exptl_crystal_grow_comp.volume 
_exptl_crystal_grow_comp.conc 
_exptl_crystal_grow_comp.details 
1 1 1 WATER           1  2  3  
1 2 1 MPD             4  5  6  
1 3 1 MGCL2           7  8  9  
1 4 1 SPERMINE_HCL    10 11 12 
1 5 1 'NA CACODYLATE' 13 14 15 
# 
_diffrn.id                     1 
_diffrn.ambient_temp           100.00 
_diffrn.ambient_temp_details   ? 
_diffrn.crystal_id             1 
# 
_diffrn_detector.diffrn_id              1 
_diffrn_detector.detector               DIFFRACTOMETER 
_diffrn_detector.type                   'RIGAKU AFC-5' 
_diffrn_detector.pdbx_collection_date   ? 
_diffrn_detector.details                ? 
# 
_diffrn_radiation.diffrn_id                        1 
_diffrn_radiation.wavelength_id                    1 
_diffrn_radiation.pdbx_monochromatic_or_laue_m_l   M 
_diffrn_radiation.monochromator                    ? 
_diffrn_radiation.pdbx_diffrn_protocol             'SINGLE WAVELENGTH' 
_diffrn_radiation.pdbx_scattering_type             x-ray 
# 
_diffrn_radiation_wavelength.id           1 
_diffrn_radiation_wavelength.wavelength   . 
_diffrn_radiation_wavelength.wt           1.0 
# 
_diffrn_source.diffrn_id                   1 
_diffrn_source.source                      'ROTATING ANODE' 
_diffrn_source.type                        ? 
_diffrn_source.pdbx_synchrotron_site       ? 
_diffrn_source.pdbx_synchrotron_beamline   ? 
_diffrn_source.pdbx_wavelength             ? 
_diffrn_source.pdbx_wavelength_list        ? 
# 
_reflns.entry_id                     1VTA 
_reflns.observed_criterion_sigma_I   ? 
_reflns.observed_criterion_sigma_F   2.000 
_reflns.d_resolution_low             ? 
_reflns.d_resolution_high            2.500 
_reflns.number_obs                   2008 
_reflns.number_all                   3403 
_reflns.percent_possible_obs         ? 
_reflns.pdbx_Rmerge_I_obs            ? 
_reflns.pdbx_Rsym_value              ? 
_reflns.pdbx_netI_over_sigmaI        ? 
_reflns.B_iso_Wilson_estimate        ? 
_reflns.pdbx_redundancy              ? 
_reflns.R_free_details               ? 
_reflns.pdbx_ordinal                 1 
_reflns.pdbx_diffrn_id               1 
_reflns.pdbx_chi_squared             ? 
_reflns.pdbx_scaling_rejects         ? 
# 
_refine.entry_id                                 1VTA 
_refine.ls_number_reflns_obs                     1502 
_refine.ls_number_reflns_all                     ? 
_refine.pdbx_ls_sigma_I                          ? 
_refine.pdbx_ls_sigma_F                          2.000 
_refine.pdbx_data_cutoff_high_absF               ? 
_refine.pdbx_data_cutoff_low_absF                ? 
_refine.pdbx_data_cutoff_high_rms_absF           ? 
_refine.ls_d_res_low                             8.000 
_refine.ls_d_res_high                            2.500 
_refine.ls_percent_reflns_obs                    ? 
_refine.ls_R_factor_obs                          0.1430000 
_refine.ls_R_factor_all                          ? 
_refine.ls_R_factor_R_work                       ? 
_refine.ls_R_factor_R_free                       ? 
_refine.ls_R_factor_R_free_error                 ? 
_refine.ls_R_factor_R_free_error_details         ? 
_refine.ls_percent_reflns_R_free                 ? 
_refine.ls_number_reflns_R_free                  ? 
_refine.ls_number_parameters                     ? 
_refine.ls_number_restraints                     ? 
_refine.occupancy_min                            ? 
_refine.occupancy_max                            ? 
_refine.B_iso_mean                               ? 
_refine.aniso_B[1][1]                            ? 
_refine.aniso_B[2][2]                            ? 
_refine.aniso_B[3][3]                            ? 
_refine.aniso_B[1][2]                            ? 
_refine.aniso_B[1][3]                            ? 
_refine.aniso_B[2][3]                            ? 
_refine.solvent_model_details                    ? 
_refine.solvent_model_param_ksol                 ? 
_refine.solvent_model_param_bsol                 ? 
_refine.pdbx_ls_cross_valid_method               ? 
_refine.details                                  ? 
_refine.pdbx_starting_model                      ? 
_refine.pdbx_method_to_determine_struct          ? 
_refine.pdbx_isotropic_thermal_model             ? 
_refine.pdbx_stereochemistry_target_values       ? 
_refine.pdbx_stereochem_target_val_spec_case     ? 
_refine.pdbx_R_Free_selection_details            ? 
_refine.pdbx_overall_ESU_R_Free                  ? 
_refine.overall_SU_ML                            ? 
_refine.overall_SU_B                             ? 
_refine.ls_redundancy_reflns_obs                 ? 
_refine.correlation_coeff_Fo_to_Fc               ? 
_refine.correlation_coeff_Fo_to_Fc_free          ? 
_refine.overall_SU_R_Cruickshank_DPI             ? 
_refine.overall_SU_R_free                        ? 
_refine.pdbx_diffrn_id                           1 
_refine.pdbx_refine_id                           'X-RAY DIFFRACTION' 
_refine.pdbx_overall_phase_error                 ? 
_refine.pdbx_solvent_vdw_probe_radii             ? 
_refine.pdbx_solvent_ion_probe_radii             ? 
_refine.pdbx_solvent_shrinkage_radii             ? 
_refine.ls_wR_factor_R_free                      ? 
_refine.ls_wR_factor_R_work                      ? 
_refine.overall_FOM_free_R_set                   ? 
_refine.overall_FOM_work_R_set                   ? 
_refine.pdbx_overall_ESU_R                       ? 
_refine.pdbx_TLS_residual_ADP_flag               ? 
_refine.pdbx_overall_SU_R_free_Cruickshank_DPI   ? 
_refine.pdbx_overall_SU_R_Blow_DPI               ? 
_refine.pdbx_overall_SU_R_free_Blow_DPI          ? 
# 
_refine_hist.pdbx_refine_id                   'X-RAY DIFFRACTION' 
_refine_hist.cycle_id                         LAST 
_refine_hist.pdbx_number_atoms_protein        0 
_refine_hist.pdbx_number_atoms_nucleic_acid   322 
_refine_hist.pdbx_number_atoms_ligand         0 
_refine_hist.number_atoms_solvent             77 
_refine_hist.number_atoms_total               399 
_refine_hist.d_res_high                       2.500 
_refine_hist.d_res_low                        8.000 
# 
_struct.entry_id                  1VTA 
_struct.title                     
'THE STRUCTURE AND HYDRATION OF THE A-DNA FRAGMENT D(GGGTACCC) AT ROOM TEMPERATURE AND LOW TEMPERATURE' 
_struct.pdbx_model_details        ? 
_struct.pdbx_CASP_flag            ? 
_struct.pdbx_model_type_details   ? 
# 
_struct_keywords.entry_id        1VTA 
_struct_keywords.pdbx_keywords   DNA 
_struct_keywords.text            DNA 
# 
loop_
_struct_asym.id 
_struct_asym.pdbx_blank_PDB_chainid_flag 
_struct_asym.pdbx_modified 
_struct_asym.entity_id 
_struct_asym.details 
A N N 1 ? 
B N N 1 ? 
C N N 2 ? 
D N N 2 ? 
# 
_struct_ref.id                         1 
_struct_ref.db_name                    PDB 
_struct_ref.db_code                    1VTA 
_struct_ref.pdbx_db_accession          1VTA 
_struct_ref.entity_id                  1 
_struct_ref.pdbx_align_begin           ? 
_struct_ref.pdbx_seq_one_letter_code   ? 
_struct_ref.pdbx_db_isoform            ? 
# 
loop_
_struct_ref_seq.align_id 
_struct_ref_seq.ref_id 
_struct_ref_seq.pdbx_PDB_id_code 
_struct_ref_seq.pdbx_strand_id 
_struct_ref_seq.seq_align_beg 
_struct_ref_seq.pdbx_seq_align_beg_ins_code 
_struct_ref_seq.seq_align_end 
_struct_ref_seq.pdbx_seq_align_end_ins_code 
_struct_ref_seq.pdbx_db_accession 
_struct_ref_seq.db_align_beg 
_struct_ref_seq.pdbx_db_align_beg_ins_code 
_struct_ref_seq.db_align_end 
_struct_ref_seq.pdbx_db_align_end_ins_code 
_struct_ref_seq.pdbx_auth_seq_align_beg 
_struct_ref_seq.pdbx_auth_seq_align_end 
1 1 1VTA A 1 ? 8 ? 1VTA 1 ? 8  ? 1 8  
2 1 1VTA B 1 ? 8 ? 1VTA 9 ? 16 ? 9 16 
# 
_pdbx_struct_assembly.id                   1 
_pdbx_struct_assembly.details              software_defined_assembly 
_pdbx_struct_assembly.method_details       PISA 
_pdbx_struct_assembly.oligomeric_details   dimeric 
_pdbx_struct_assembly.oligomeric_count     2 
# 
loop_
_pdbx_struct_assembly_prop.biol_id 
_pdbx_struct_assembly_prop.type 
_pdbx_struct_assembly_prop.value 
_pdbx_struct_assembly_prop.details 
1 'ABSA (A^2)' 770  ? 
1 MORE         -5   ? 
1 'SSA (A^2)'  3060 ? 
# 
_pdbx_struct_assembly_gen.assembly_id       1 
_pdbx_struct_assembly_gen.oper_expression   1 
_pdbx_struct_assembly_gen.asym_id_list      A,B,C,D 
# 
_pdbx_struct_oper_list.id                   1 
_pdbx_struct_oper_list.type                 'identity operation' 
_pdbx_struct_oper_list.name                 1_555 
_pdbx_struct_oper_list.symmetry_operation   x,y,z 
_pdbx_struct_oper_list.matrix[1][1]         1.0000000000 
_pdbx_struct_oper_list.matrix[1][2]         0.0000000000 
_pdbx_struct_oper_list.matrix[1][3]         0.0000000000 
_pdbx_struct_oper_list.vector[1]            0.0000000000 
_pdbx_struct_oper_list.matrix[2][1]         0.0000000000 
_pdbx_struct_oper_list.matrix[2][2]         1.0000000000 
_pdbx_struct_oper_list.matrix[2][3]         0.0000000000 
_pdbx_struct_oper_list.vector[2]            0.0000000000 
_pdbx_struct_oper_list.matrix[3][1]         0.0000000000 
_pdbx_struct_oper_list.matrix[3][2]         0.0000000000 
_pdbx_struct_oper_list.matrix[3][3]         1.0000000000 
_pdbx_struct_oper_list.vector[3]            0.0000000000 
# 
_struct_biol.id                    1 
_struct_biol.pdbx_parent_biol_id   ? 
_struct_biol.details               ? 
# 
loop_
_struct_conn.id 
_struct_conn.conn_type_id 
_struct_conn.pdbx_leaving_atom_flag 
_struct_conn.pdbx_PDB_id 
_struct_conn.ptnr1_label_asym_id 
_struct_conn.ptnr1_label_comp_id 
_struct_conn.ptnr1_label_seq_id 
_struct_conn.ptnr1_label_atom_id 
_struct_conn.pdbx_ptnr1_label_alt_id 
_struct_conn.pdbx_ptnr1_PDB_ins_code 
_struct_conn.pdbx_ptnr1_standard_comp_id 
_struct_conn.ptnr1_symmetry 
_struct_conn.ptnr2_label_asym_id 
_struct_conn.ptnr2_label_comp_id 
_struct_conn.ptnr2_label_seq_id 
_struct_conn.ptnr2_label_atom_id 
_struct_conn.pdbx_ptnr2_label_alt_id 
_struct_conn.pdbx_ptnr2_PDB_ins_code 
_struct_conn.ptnr1_auth_asym_id 
_struct_conn.ptnr1_auth_comp_id 
_struct_conn.ptnr1_auth_seq_id 
_struct_conn.ptnr2_auth_asym_id 
_struct_conn.ptnr2_auth_comp_id 
_struct_conn.ptnr2_auth_seq_id 
_struct_conn.ptnr2_symmetry 
_struct_conn.pdbx_ptnr3_label_atom_id 
_struct_conn.pdbx_ptnr3_label_seq_id 
_struct_conn.pdbx_ptnr3_label_comp_id 
_struct_conn.pdbx_ptnr3_label_asym_id 
_struct_conn.pdbx_ptnr3_label_alt_id 
_struct_conn.pdbx_ptnr3_PDB_ins_code 
_struct_conn.details 
_struct_conn.pdbx_dist_value 
_struct_conn.pdbx_value_order 
_struct_conn.pdbx_role 
hydrog1  hydrog ? ? A DG 1 N1 ? ? ? 1_555 B DC 8 N3 ? ? A DG 1 B DC 16 1_555 ? ? ? ? ? ? WATSON-CRICK ? ? ? 
hydrog2  hydrog ? ? A DG 1 N2 ? ? ? 1_555 B DC 8 O2 ? ? A DG 1 B DC 16 1_555 ? ? ? ? ? ? WATSON-CRICK ? ? ? 
hydrog3  hydrog ? ? A DG 1 O6 ? ? ? 1_555 B DC 8 N4 ? ? A DG 1 B DC 16 1_555 ? ? ? ? ? ? WATSON-CRICK ? ? ? 
hydrog4  hydrog ? ? A DG 2 N1 ? ? ? 1_555 B DC 7 N3 ? ? A DG 2 B DC 15 1_555 ? ? ? ? ? ? WATSON-CRICK ? ? ? 
hydrog5  hydrog ? ? A DG 2 N2 ? ? ? 1_555 B DC 7 O2 ? ? A DG 2 B DC 15 1_555 ? ? ? ? ? ? WATSON-CRICK ? ? ? 
hydrog6  hydrog ? ? A DG 2 O6 ? ? ? 1_555 B DC 7 N4 ? ? A DG 2 B DC 15 1_555 ? ? ? ? ? ? WATSON-CRICK ? ? ? 
hydrog7  hydrog ? ? A DG 3 N1 ? ? ? 1_555 B DC 6 N3 ? ? A DG 3 B DC 14 1_555 ? ? ? ? ? ? WATSON-CRICK ? ? ? 
hydrog8  hydrog ? ? A DG 3 N2 ? ? ? 1_555 B DC 6 O2 ? ? A DG 3 B DC 14 1_555 ? ? ? ? ? ? WATSON-CRICK ? ? ? 
hydrog9  hydrog ? ? A DG 3 O6 ? ? ? 1_555 B DC 6 N4 ? ? A DG 3 B DC 14 1_555 ? ? ? ? ? ? WATSON-CRICK ? ? ? 
hydrog10 hydrog ? ? A DT 4 N3 ? ? ? 1_555 B DA 5 N1 ? ? A DT 4 B DA 13 1_555 ? ? ? ? ? ? WATSON-CRICK ? ? ? 
hydrog11 hydrog ? ? A DT 4 O4 ? ? ? 1_555 B DA 5 N6 ? ? A DT 4 B DA 13 1_555 ? ? ? ? ? ? WATSON-CRICK ? ? ? 
hydrog12 hydrog ? ? A DA 5 N1 ? ? ? 1_555 B DT 4 N3 ? ? A DA 5 B DT 12 1_555 ? ? ? ? ? ? WATSON-CRICK ? ? ? 
hydrog13 hydrog ? ? A DA 5 N6 ? ? ? 1_555 B DT 4 O4 ? ? A DA 5 B DT 12 1_555 ? ? ? ? ? ? WATSON-CRICK ? ? ? 
hydrog14 hydrog ? ? A DC 6 N3 ? ? ? 1_555 B DG 3 N1 ? ? A DC 6 B DG 11 1_555 ? ? ? ? ? ? WATSON-CRICK ? ? ? 
hydrog15 hydrog ? ? A DC 6 N4 ? ? ? 1_555 B DG 3 O6 ? ? A DC 6 B DG 11 1_555 ? ? ? ? ? ? WATSON-CRICK ? ? ? 
hydrog16 hydrog ? ? A DC 6 O2 ? ? ? 1_555 B DG 3 N2 ? ? A DC 6 B DG 11 1_555 ? ? ? ? ? ? WATSON-CRICK ? ? ? 
hydrog17 hydrog ? ? A DC 7 N3 ? ? ? 1_555 B DG 2 N1 ? ? A DC 7 B DG 10 1_555 ? ? ? ? ? ? WATSON-CRICK ? ? ? 
hydrog18 hydrog ? ? A DC 7 N4 ? ? ? 1_555 B DG 2 O6 ? ? A DC 7 B DG 10 1_555 ? ? ? ? ? ? WATSON-CRICK ? ? ? 
hydrog19 hydrog ? ? A DC 7 O2 ? ? ? 1_555 B DG 2 N2 ? ? A DC 7 B DG 10 1_555 ? ? ? ? ? ? WATSON-CRICK ? ? ? 
hydrog20 hydrog ? ? A DC 8 N3 ? ? ? 1_555 B DG 1 N1 ? ? A DC 8 B DG 9  1_555 ? ? ? ? ? ? WATSON-CRICK ? ? ? 
hydrog21 hydrog ? ? A DC 8 N4 ? ? ? 1_555 B DG 1 O6 ? ? A DC 8 B DG 9  1_555 ? ? ? ? ? ? WATSON-CRICK ? ? ? 
hydrog22 hydrog ? ? A DC 8 O2 ? ? ? 1_555 B DG 1 N2 ? ? A DC 8 B DG 9  1_555 ? ? ? ? ? ? WATSON-CRICK ? ? ? 
# 
_struct_conn_type.id          hydrog 
_struct_conn_type.criteria    ? 
_struct_conn_type.reference   ? 
# 
loop_
_pdbx_validate_rmsd_angle.id 
_pdbx_validate_rmsd_angle.PDB_model_num 
_pdbx_validate_rmsd_angle.auth_atom_id_1 
_pdbx_validate_rmsd_angle.auth_asym_id_1 
_pdbx_validate_rmsd_angle.auth_comp_id_1 
_pdbx_validate_rmsd_angle.auth_seq_id_1 
_pdbx_validate_rmsd_angle.PDB_ins_code_1 
_pdbx_validate_rmsd_angle.label_alt_id_1 
_pdbx_validate_rmsd_angle.auth_atom_id_2 
_pdbx_validate_rmsd_angle.auth_asym_id_2 
_pdbx_validate_rmsd_angle.auth_comp_id_2 
_pdbx_validate_rmsd_angle.auth_seq_id_2 
_pdbx_validate_rmsd_angle.PDB_ins_code_2 
_pdbx_validate_rmsd_angle.label_alt_id_2 
_pdbx_validate_rmsd_angle.auth_atom_id_3 
_pdbx_validate_rmsd_angle.auth_asym_id_3 
_pdbx_validate_rmsd_angle.auth_comp_id_3 
_pdbx_validate_rmsd_angle.auth_seq_id_3 
_pdbx_validate_rmsd_angle.PDB_ins_code_3 
_pdbx_validate_rmsd_angle.label_alt_id_3 
_pdbx_validate_rmsd_angle.angle_value 
_pdbx_validate_rmsd_angle.angle_target_value 
_pdbx_validate_rmsd_angle.angle_deviation 
_pdbx_validate_rmsd_angle.angle_standard_deviation 
_pdbx_validate_rmsd_angle.linker_flag 
1  1 "O4'" A DG 1  ? ? "C4'" A DG 1  ? ? "C3'" A DG 1  ? ? 101.98 104.50 -2.52 0.40 N 
2  1 "O4'" A DG 2  ? ? "C4'" A DG 2  ? ? "C3'" A DG 2  ? ? 101.22 104.50 -3.28 0.40 N 
3  1 "C3'" A DG 2  ? ? "C2'" A DG 2  ? ? "C1'" A DG 2  ? ? 96.75  102.40 -5.65 0.80 N 
4  1 "O5'" A DG 3  ? ? "C5'" A DG 3  ? ? "C4'" A DG 3  ? ? 102.90 109.40 -6.50 0.80 N 
5  1 "O4'" A DA 5  ? ? "C1'" A DA 5  ? ? N9    A DA 5  ? ? 113.36 108.30 5.06  0.30 N 
6  1 "C3'" A DA 5  ? ? "O3'" A DA 5  ? ? P     A DC 6  ? ? 139.04 119.70 19.34 1.20 Y 
7  1 "O4'" A DC 6  ? ? "C1'" A DC 6  ? ? N1    A DC 6  ? ? 113.96 108.30 5.66  0.30 N 
8  1 "C3'" A DC 6  ? ? "O3'" A DC 6  ? ? P     A DC 7  ? ? 131.69 119.70 11.99 1.20 Y 
9  1 "O4'" A DC 7  ? ? "C1'" A DC 7  ? ? N1    A DC 7  ? ? 111.29 108.30 2.99  0.30 N 
10 1 "O5'" B DG 11 ? ? "C5'" B DG 11 ? ? "C4'" B DG 11 ? ? 104.53 109.40 -4.87 0.80 N 
11 1 "O4'" B DG 11 ? ? "C4'" B DG 11 ? ? "C3'" B DG 11 ? ? 99.82  104.50 -4.68 0.40 N 
12 1 "C3'" B DG 11 ? ? "O3'" B DG 11 ? ? P     B DT 12 ? ? 111.71 119.70 -7.99 1.20 Y 
13 1 N3    B DT 12 ? ? C2    B DT 12 ? ? O2    B DT 12 ? ? 118.63 122.30 -3.67 0.60 N 
14 1 "O4'" B DA 13 ? ? "C4'" B DA 13 ? ? "C3'" B DA 13 ? ? 99.90  104.50 -4.60 0.40 N 
15 1 "C3'" B DA 13 ? ? "O3'" B DA 13 ? ? P     B DC 14 ? ? 131.10 119.70 11.40 1.20 Y 
16 1 "O4'" B DC 14 ? ? "C4'" B DC 14 ? ? "C3'" B DC 14 ? ? 101.29 104.50 -3.21 0.40 N 
17 1 "O4'" B DC 15 ? ? "C4'" B DC 15 ? ? "C3'" B DC 15 ? ? 101.36 104.50 -3.14 0.40 N 
18 1 "O4'" B DC 15 ? ? "C1'" B DC 15 ? ? N1    B DC 15 ? ? 111.03 108.30 2.73  0.30 N 
19 1 "C3'" B DC 15 ? ? "O3'" B DC 15 ? ? P     B DC 16 ? ? 129.64 119.70 9.94  1.20 Y 
20 1 "O5'" B DC 16 ? ? "C5'" B DC 16 ? ? "C4'" B DC 16 ? ? 104.45 109.40 -4.95 0.80 N 
21 1 "O4'" B DC 16 ? ? "C1'" B DC 16 ? ? N1    B DC 16 ? ? 111.46 108.30 3.16  0.30 N 
# 
loop_
_refine_B_iso.class 
_refine_B_iso.details 
_refine_B_iso.treatment 
_refine_B_iso.pdbx_refine_id 
'ALL ATOMS'  TR isotropic 'X-RAY DIFFRACTION' 
'ALL WATERS' TR isotropic 'X-RAY DIFFRACTION' 
# 
loop_
_refine_occupancy.class 
_refine_occupancy.treatment 
_refine_occupancy.pdbx_refine_id 
'ALL ATOMS'  fix 'X-RAY DIFFRACTION' 
'ALL WATERS' fix 'X-RAY DIFFRACTION' 
# 
loop_
_chem_comp_atom.comp_id 
_chem_comp_atom.atom_id 
_chem_comp_atom.type_symbol 
_chem_comp_atom.pdbx_aromatic_flag 
_chem_comp_atom.pdbx_stereo_config 
_chem_comp_atom.pdbx_ordinal 
DA  OP3    O N N 1   
DA  P      P N N 2   
DA  OP1    O N N 3   
DA  OP2    O N N 4   
DA  "O5'"  O N N 5   
DA  "C5'"  C N N 6   
DA  "C4'"  C N R 7   
DA  "O4'"  O N N 8   
DA  "C3'"  C N S 9   
DA  "O3'"  O N N 10  
DA  "C2'"  C N N 11  
DA  "C1'"  C N R 12  
DA  N9     N Y N 13  
DA  C8     C Y N 14  
DA  N7     N Y N 15  
DA  C5     C Y N 16  
DA  C6     C Y N 17  
DA  N6     N N N 18  
DA  N1     N Y N 19  
DA  C2     C Y N 20  
DA  N3     N Y N 21  
DA  C4     C Y N 22  
DA  HOP3   H N N 23  
DA  HOP2   H N N 24  
DA  "H5'"  H N N 25  
DA  "H5''" H N N 26  
DA  "H4'"  H N N 27  
DA  "H3'"  H N N 28  
DA  "HO3'" H N N 29  
DA  "H2'"  H N N 30  
DA  "H2''" H N N 31  
DA  "H1'"  H N N 32  
DA  H8     H N N 33  
DA  H61    H N N 34  
DA  H62    H N N 35  
DA  H2     H N N 36  
DC  OP3    O N N 37  
DC  P      P N N 38  
DC  OP1    O N N 39  
DC  OP2    O N N 40  
DC  "O5'"  O N N 41  
DC  "C5'"  C N N 42  
DC  "C4'"  C N R 43  
DC  "O4'"  O N N 44  
DC  "C3'"  C N S 45  
DC  "O3'"  O N N 46  
DC  "C2'"  C N N 47  
DC  "C1'"  C N R 48  
DC  N1     N N N 49  
DC  C2     C N N 50  
DC  O2     O N N 51  
DC  N3     N N N 52  
DC  C4     C N N 53  
DC  N4     N N N 54  
DC  C5     C N N 55  
DC  C6     C N N 56  
DC  HOP3   H N N 57  
DC  HOP2   H N N 58  
DC  "H5'"  H N N 59  
DC  "H5''" H N N 60  
DC  "H4'"  H N N 61  
DC  "H3'"  H N N 62  
DC  "HO3'" H N N 63  
DC  "H2'"  H N N 64  
DC  "H2''" H N N 65  
DC  "H1'"  H N N 66  
DC  H41    H N N 67  
DC  H42    H N N 68  
DC  H5     H N N 69  
DC  H6     H N N 70  
DG  OP3    O N N 71  
DG  P      P N N 72  
DG  OP1    O N N 73  
DG  OP2    O N N 74  
DG  "O5'"  O N N 75  
DG  "C5'"  C N N 76  
DG  "C4'"  C N R 77  
DG  "O4'"  O N N 78  
DG  "C3'"  C N S 79  
DG  "O3'"  O N N 80  
DG  "C2'"  C N N 81  
DG  "C1'"  C N R 82  
DG  N9     N Y N 83  
DG  C8     C Y N 84  
DG  N7     N Y N 85  
DG  C5     C Y N 86  
DG  C6     C N N 87  
DG  O6     O N N 88  
DG  N1     N N N 89  
DG  C2     C N N 90  
DG  N2     N N N 91  
DG  N3     N N N 92  
DG  C4     C Y N 93  
DG  HOP3   H N N 94  
DG  HOP2   H N N 95  
DG  "H5'"  H N N 96  
DG  "H5''" H N N 97  
DG  "H4'"  H N N 98  
DG  "H3'"  H N N 99  
DG  "HO3'" H N N 100 
DG  "H2'"  H N N 101 
DG  "H2''" H N N 102 
DG  "H1'"  H N N 103 
DG  H8     H N N 104 
DG  H1     H N N 105 
DG  H21    H N N 106 
DG  H22    H N N 107 
DT  OP3    O N N 108 
DT  P      P N N 109 
DT  OP1    O N N 110 
DT  OP2    O N N 111 
DT  "O5'"  O N N 112 
DT  "C5'"  C N N 113 
DT  "C4'"  C N R 114 
DT  "O4'"  O N N 115 
DT  "C3'"  C N S 116 
DT  "O3'"  O N N 117 
DT  "C2'"  C N N 118 
DT  "C1'"  C N R 119 
DT  N1     N N N 120 
DT  C2     C N N 121 
DT  O2     O N N 122 
DT  N3     N N N 123 
DT  C4     C N N 124 
DT  O4     O N N 125 
DT  C5     C N N 126 
DT  C7     C N N 127 
DT  C6     C N N 128 
DT  HOP3   H N N 129 
DT  HOP2   H N N 130 
DT  "H5'"  H N N 131 
DT  "H5''" H N N 132 
DT  "H4'"  H N N 133 
DT  "H3'"  H N N 134 
DT  "HO3'" H N N 135 
DT  "H2'"  H N N 136 
DT  "H2''" H N N 137 
DT  "H1'"  H N N 138 
DT  H3     H N N 139 
DT  H71    H N N 140 
DT  H72    H N N 141 
DT  H73    H N N 142 
DT  H6     H N N 143 
HOH O      O N N 144 
HOH H1     H N N 145 
HOH H2     H N N 146 
# 
loop_
_chem_comp_bond.comp_id 
_chem_comp_bond.atom_id_1 
_chem_comp_bond.atom_id_2 
_chem_comp_bond.value_order 
_chem_comp_bond.pdbx_aromatic_flag 
_chem_comp_bond.pdbx_stereo_config 
_chem_comp_bond.pdbx_ordinal 
DA  OP3   P      sing N N 1   
DA  OP3   HOP3   sing N N 2   
DA  P     OP1    doub N N 3   
DA  P     OP2    sing N N 4   
DA  P     "O5'"  sing N N 5   
DA  OP2   HOP2   sing N N 6   
DA  "O5'" "C5'"  sing N N 7   
DA  "C5'" "C4'"  sing N N 8   
DA  "C5'" "H5'"  sing N N 9   
DA  "C5'" "H5''" sing N N 10  
DA  "C4'" "O4'"  sing N N 11  
DA  "C4'" "C3'"  sing N N 12  
DA  "C4'" "H4'"  sing N N 13  
DA  "O4'" "C1'"  sing N N 14  
DA  "C3'" "O3'"  sing N N 15  
DA  "C3'" "C2'"  sing N N 16  
DA  "C3'" "H3'"  sing N N 17  
DA  "O3'" "HO3'" sing N N 18  
DA  "C2'" "C1'"  sing N N 19  
DA  "C2'" "H2'"  sing N N 20  
DA  "C2'" "H2''" sing N N 21  
DA  "C1'" N9     sing N N 22  
DA  "C1'" "H1'"  sing N N 23  
DA  N9    C8     sing Y N 24  
DA  N9    C4     sing Y N 25  
DA  C8    N7     doub Y N 26  
DA  C8    H8     sing N N 27  
DA  N7    C5     sing Y N 28  
DA  C5    C6     sing Y N 29  
DA  C5    C4     doub Y N 30  
DA  C6    N6     sing N N 31  
DA  C6    N1     doub Y N 32  
DA  N6    H61    sing N N 33  
DA  N6    H62    sing N N 34  
DA  N1    C2     sing Y N 35  
DA  C2    N3     doub Y N 36  
DA  C2    H2     sing N N 37  
DA  N3    C4     sing Y N 38  
DC  OP3   P      sing N N 39  
DC  OP3   HOP3   sing N N 40  
DC  P     OP1    doub N N 41  
DC  P     OP2    sing N N 42  
DC  P     "O5'"  sing N N 43  
DC  OP2   HOP2   sing N N 44  
DC  "O5'" "C5'"  sing N N 45  
DC  "C5'" "C4'"  sing N N 46  
DC  "C5'" "H5'"  sing N N 47  
DC  "C5'" "H5''" sing N N 48  
DC  "C4'" "O4'"  sing N N 49  
DC  "C4'" "C3'"  sing N N 50  
DC  "C4'" "H4'"  sing N N 51  
DC  "O4'" "C1'"  sing N N 52  
DC  "C3'" "O3'"  sing N N 53  
DC  "C3'" "C2'"  sing N N 54  
DC  "C3'" "H3'"  sing N N 55  
DC  "O3'" "HO3'" sing N N 56  
DC  "C2'" "C1'"  sing N N 57  
DC  "C2'" "H2'"  sing N N 58  
DC  "C2'" "H2''" sing N N 59  
DC  "C1'" N1     sing N N 60  
DC  "C1'" "H1'"  sing N N 61  
DC  N1    C2     sing N N 62  
DC  N1    C6     sing N N 63  
DC  C2    O2     doub N N 64  
DC  C2    N3     sing N N 65  
DC  N3    C4     doub N N 66  
DC  C4    N4     sing N N 67  
DC  C4    C5     sing N N 68  
DC  N4    H41    sing N N 69  
DC  N4    H42    sing N N 70  
DC  C5    C6     doub N N 71  
DC  C5    H5     sing N N 72  
DC  C6    H6     sing N N 73  
DG  OP3   P      sing N N 74  
DG  OP3   HOP3   sing N N 75  
DG  P     OP1    doub N N 76  
DG  P     OP2    sing N N 77  
DG  P     "O5'"  sing N N 78  
DG  OP2   HOP2   sing N N 79  
DG  "O5'" "C5'"  sing N N 80  
DG  "C5'" "C4'"  sing N N 81  
DG  "C5'" "H5'"  sing N N 82  
DG  "C5'" "H5''" sing N N 83  
DG  "C4'" "O4'"  sing N N 84  
DG  "C4'" "C3'"  sing N N 85  
DG  "C4'" "H4'"  sing N N 86  
DG  "O4'" "C1'"  sing N N 87  
DG  "C3'" "O3'"  sing N N 88  
DG  "C3'" "C2'"  sing N N 89  
DG  "C3'" "H3'"  sing N N 90  
DG  "O3'" "HO3'" sing N N 91  
DG  "C2'" "C1'"  sing N N 92  
DG  "C2'" "H2'"  sing N N 93  
DG  "C2'" "H2''" sing N N 94  
DG  "C1'" N9     sing N N 95  
DG  "C1'" "H1'"  sing N N 96  
DG  N9    C8     sing Y N 97  
DG  N9    C4     sing Y N 98  
DG  C8    N7     doub Y N 99  
DG  C8    H8     sing N N 100 
DG  N7    C5     sing Y N 101 
DG  C5    C6     sing N N 102 
DG  C5    C4     doub Y N 103 
DG  C6    O6     doub N N 104 
DG  C6    N1     sing N N 105 
DG  N1    C2     sing N N 106 
DG  N1    H1     sing N N 107 
DG  C2    N2     sing N N 108 
DG  C2    N3     doub N N 109 
DG  N2    H21    sing N N 110 
DG  N2    H22    sing N N 111 
DG  N3    C4     sing N N 112 
DT  OP3   P      sing N N 113 
DT  OP3   HOP3   sing N N 114 
DT  P     OP1    doub N N 115 
DT  P     OP2    sing N N 116 
DT  P     "O5'"  sing N N 117 
DT  OP2   HOP2   sing N N 118 
DT  "O5'" "C5'"  sing N N 119 
DT  "C5'" "C4'"  sing N N 120 
DT  "C5'" "H5'"  sing N N 121 
DT  "C5'" "H5''" sing N N 122 
DT  "C4'" "O4'"  sing N N 123 
DT  "C4'" "C3'"  sing N N 124 
DT  "C4'" "H4'"  sing N N 125 
DT  "O4'" "C1'"  sing N N 126 
DT  "C3'" "O3'"  sing N N 127 
DT  "C3'" "C2'"  sing N N 128 
DT  "C3'" "H3'"  sing N N 129 
DT  "O3'" "HO3'" sing N N 130 
DT  "C2'" "C1'"  sing N N 131 
DT  "C2'" "H2'"  sing N N 132 
DT  "C2'" "H2''" sing N N 133 
DT  "C1'" N1     sing N N 134 
DT  "C1'" "H1'"  sing N N 135 
DT  N1    C2     sing N N 136 
DT  N1    C6     sing N N 137 
DT  C2    O2     doub N N 138 
DT  C2    N3     sing N N 139 
DT  N3    C4     sing N N 140 
DT  N3    H3     sing N N 141 
DT  C4    O4     doub N N 142 
DT  C4    C5     sing N N 143 
DT  C5    C7     sing N N 144 
DT  C5    C6     doub N N 145 
DT  C7    H71    sing N N 146 
DT  C7    H72    sing N N 147 
DT  C7    H73    sing N N 148 
DT  C6    H6     sing N N 149 
HOH O     H1     sing N N 150 
HOH O     H2     sing N N 151 
# 
_ndb_struct_conf_na.entry_id   1VTA 
_ndb_struct_conf_na.feature    'a-form double helix' 
# 
loop_
_ndb_struct_na_base_pair.model_number 
_ndb_struct_na_base_pair.i_label_asym_id 
_ndb_struct_na_base_pair.i_label_comp_id 
_ndb_struct_na_base_pair.i_label_seq_id 
_ndb_struct_na_base_pair.i_symmetry 
_ndb_struct_na_base_pair.j_label_asym_id 
_ndb_struct_na_base_pair.j_label_comp_id 
_ndb_struct_na_base_pair.j_label_seq_id 
_ndb_struct_na_base_pair.j_symmetry 
_ndb_struct_na_base_pair.shear 
_ndb_struct_na_base_pair.stretch 
_ndb_struct_na_base_pair.stagger 
_ndb_struct_na_base_pair.buckle 
_ndb_struct_na_base_pair.propeller 
_ndb_struct_na_base_pair.opening 
_ndb_struct_na_base_pair.pair_number 
_ndb_struct_na_base_pair.pair_name 
_ndb_struct_na_base_pair.i_auth_asym_id 
_ndb_struct_na_base_pair.i_auth_seq_id 
_ndb_struct_na_base_pair.i_PDB_ins_code 
_ndb_struct_na_base_pair.j_auth_asym_id 
_ndb_struct_na_base_pair.j_auth_seq_id 
_ndb_struct_na_base_pair.j_PDB_ins_code 
_ndb_struct_na_base_pair.hbond_type_28 
_ndb_struct_na_base_pair.hbond_type_12 
1 A DG 1 1_555 B DC 8 1_555 -0.427 -0.158 -0.157 -13.152 0.762   1.762  1 A_DG1:DC16_B A 1 ? B 16 ? 19 1 
1 A DG 2 1_555 B DC 7 1_555 -0.156 -0.156 -0.134 -3.968  -10.094 -1.857 2 A_DG2:DC15_B A 2 ? B 15 ? 19 1 
1 A DG 3 1_555 B DC 6 1_555 -0.237 -0.166 -0.057 -7.197  -13.290 -0.429 3 A_DG3:DC14_B A 3 ? B 14 ? 19 1 
1 A DT 4 1_555 B DA 5 1_555 -0.011 -0.097 -0.141 5.386   -7.713  -0.635 4 A_DT4:DA13_B A 4 ? B 13 ? 20 1 
1 A DA 5 1_555 B DT 4 1_555 -0.097 -0.107 0.250  11.716  -13.997 3.275  5 A_DA5:DT12_B A 5 ? B 12 ? 20 1 
1 A DC 6 1_555 B DG 3 1_555 0.324  -0.188 -0.129 15.704  -13.793 -0.409 6 A_DC6:DG11_B A 6 ? B 11 ? 19 1 
1 A DC 7 1_555 B DG 2 1_555 0.073  -0.209 -0.015 2.043   -9.333  -1.850 7 A_DC7:DG10_B A 7 ? B 10 ? 19 1 
1 A DC 8 1_555 B DG 1 1_555 0.419  -0.170 -0.092 5.333   0.184   -0.768 8 A_DC8:DG9_B  A 8 ? B 9  ? 19 1 
# 
loop_
_ndb_struct_na_base_pair_step.model_number 
_ndb_struct_na_base_pair_step.i_label_asym_id_1 
_ndb_struct_na_base_pair_step.i_label_comp_id_1 
_ndb_struct_na_base_pair_step.i_label_seq_id_1 
_ndb_struct_na_base_pair_step.i_symmetry_1 
_ndb_struct_na_base_pair_step.j_label_asym_id_1 
_ndb_struct_na_base_pair_step.j_label_comp_id_1 
_ndb_struct_na_base_pair_step.j_label_seq_id_1 
_ndb_struct_na_base_pair_step.j_symmetry_1 
_ndb_struct_na_base_pair_step.i_label_asym_id_2 
_ndb_struct_na_base_pair_step.i_label_comp_id_2 
_ndb_struct_na_base_pair_step.i_label_seq_id_2 
_ndb_struct_na_base_pair_step.i_symmetry_2 
_ndb_struct_na_base_pair_step.j_label_asym_id_2 
_ndb_struct_na_base_pair_step.j_label_comp_id_2 
_ndb_struct_na_base_pair_step.j_label_seq_id_2 
_ndb_struct_na_base_pair_step.j_symmetry_2 
_ndb_struct_na_base_pair_step.shift 
_ndb_struct_na_base_pair_step.slide 
_ndb_struct_na_base_pair_step.rise 
_ndb_struct_na_base_pair_step.tilt 
_ndb_struct_na_base_pair_step.roll 
_ndb_struct_na_base_pair_step.twist 
_ndb_struct_na_base_pair_step.x_displacement 
_ndb_struct_na_base_pair_step.y_displacement 
_ndb_struct_na_base_pair_step.helical_rise 
_ndb_struct_na_base_pair_step.inclination 
_ndb_struct_na_base_pair_step.tip 
_ndb_struct_na_base_pair_step.helical_twist 
_ndb_struct_na_base_pair_step.step_number 
_ndb_struct_na_base_pair_step.step_name 
_ndb_struct_na_base_pair_step.i_auth_asym_id_1 
_ndb_struct_na_base_pair_step.i_auth_seq_id_1 
_ndb_struct_na_base_pair_step.i_PDB_ins_code_1 
_ndb_struct_na_base_pair_step.j_auth_asym_id_1 
_ndb_struct_na_base_pair_step.j_auth_seq_id_1 
_ndb_struct_na_base_pair_step.j_PDB_ins_code_1 
_ndb_struct_na_base_pair_step.i_auth_asym_id_2 
_ndb_struct_na_base_pair_step.i_auth_seq_id_2 
_ndb_struct_na_base_pair_step.i_PDB_ins_code_2 
_ndb_struct_na_base_pair_step.j_auth_asym_id_2 
_ndb_struct_na_base_pair_step.j_auth_seq_id_2 
_ndb_struct_na_base_pair_step.j_PDB_ins_code_2 
1 A DG 1 1_555 B DC 8 1_555 A DG 2 1_555 B DC 7 1_555 -0.028 -1.992 3.284 3.087  2.593  28.767 -4.528 0.719  3.076 5.186  -6.175 
29.042 1 AA_DG1DG2:DC15DC16_BB A 1 ? B 16 ? A 2 ? B 15 ? 
1 A DG 2 1_555 B DC 7 1_555 A DG 3 1_555 B DC 6 1_555 -0.325 -2.142 3.327 -0.594 8.392  27.670 -6.015 0.530  2.585 17.054 1.208  
28.897 2 AA_DG2DG3:DC14DC15_BB A 2 ? B 15 ? A 3 ? B 14 ? 
1 A DG 3 1_555 B DC 6 1_555 A DT 4 1_555 B DA 5 1_555 -0.584 -1.382 3.052 -0.043 2.744  33.463 -2.805 1.004  2.933 4.756  0.075  
33.573 3 AA_DG3DT4:DA13DC14_BB A 3 ? B 14 ? A 4 ? B 13 ? 
1 A DT 4 1_555 B DA 5 1_555 A DA 5 1_555 B DT 4 1_555 0.187  -1.141 3.051 -2.062 5.875  25.500 -3.928 -0.908 2.701 13.064 4.585  
26.237 4 AA_DT4DA5:DT12DA13_BB A 4 ? B 13 ? A 5 ? B 12 ? 
1 A DA 5 1_555 B DT 4 1_555 A DC 6 1_555 B DG 3 1_555 0.721  -1.563 3.215 3.856  3.463  36.854 -2.898 -0.632 3.118 5.444  -6.062 
37.204 5 AA_DA5DC6:DG11DT12_BB A 5 ? B 12 ? A 6 ? B 11 ? 
1 A DC 6 1_555 B DG 3 1_555 A DC 7 1_555 B DG 2 1_555 -0.512 -2.355 3.534 -0.624 12.958 29.568 -6.407 0.818  2.333 23.989 1.156  
32.231 6 AA_DC6DC7:DG10DG11_BB A 6 ? B 11 ? A 7 ? B 10 ? 
1 A DC 7 1_555 B DG 2 1_555 A DC 8 1_555 B DG 1 1_555 0.032  -1.600 3.252 3.139  8.694  30.523 -4.388 0.474  2.695 16.058 -5.797 
31.860 7 AA_DC7DC8:DG9DG10_BB  A 7 ? B 10 ? A 8 ? B 9  ? 
# 
_atom_sites.entry_id                    1VTA 
_atom_sites.fract_transf_matrix[1][1]   -0.00394973 
_atom_sites.fract_transf_matrix[1][2]   0.01900923 
_atom_sites.fract_transf_matrix[1][3]   0.01586009 
_atom_sites.fract_transf_matrix[2][1]   0.01286858 
_atom_sites.fract_transf_matrix[2][2]   0.02135861 
_atom_sites.fract_transf_matrix[2][3]   -0.00258153 
_atom_sites.fract_transf_matrix[3][1]   -0.01616137 
_atom_sites.fract_transf_matrix[3][2]   0.00808024 
_atom_sites.fract_transf_matrix[3][3]   -0.01370940 
_atom_sites.fract_transf_vector[1]      -0.026591 
_atom_sites.fract_transf_vector[2]      0.441441 
_atom_sites.fract_transf_vector[3]      -0.005416 
# 
loop_
_atom_type.symbol 
C 
N 
O 
P 
# 
loop_
_atom_site.group_PDB 
_atom_site.id 
_atom_site.type_symbol 
_atom_site.label_atom_id 
_atom_site.label_alt_id 
_atom_site.label_comp_id 
_atom_site.label_asym_id 
_atom_site.label_entity_id 
_atom_site.label_seq_id 
_atom_site.pdbx_PDB_ins_code 
_atom_site.Cartn_x 
_atom_site.Cartn_y 
_atom_site.Cartn_z 
_atom_site.occupancy 
_atom_site.B_iso_or_equiv 
_atom_site.pdbx_formal_charge 
_atom_site.auth_seq_id 
_atom_site.auth_comp_id 
_atom_site.auth_asym_id 
_atom_site.auth_atom_id 
_atom_site.pdbx_PDB_model_num 
ATOM   1   O "O5'" . DG  A 1 1 ? 13.286  -5.693  2.528   1.00 22.17 ? 1  DG  A "O5'" 1 
ATOM   2   C "C5'" . DG  A 1 1 ? 13.565  -6.388  3.745   1.00 21.17 ? 1  DG  A "C5'" 1 
ATOM   3   C "C4'" . DG  A 1 1 ? 13.203  -5.715  5.035   1.00 21.06 ? 1  DG  A "C4'" 1 
ATOM   4   O "O4'" . DG  A 1 1 ? 13.691  -4.361  5.112   1.00 21.13 ? 1  DG  A "O4'" 1 
ATOM   5   C "C3'" . DG  A 1 1 ? 11.699  -5.524  5.272   1.00 21.39 ? 1  DG  A "C3'" 1 
ATOM   6   O "O3'" . DG  A 1 1 ? 11.109  -6.780  5.577   1.00 22.10 ? 1  DG  A "O3'" 1 
ATOM   7   C "C2'" . DG  A 1 1 ? 11.703  -4.472  6.369   1.00 21.09 ? 1  DG  A "C2'" 1 
ATOM   8   C "C1'" . DG  A 1 1 ? 12.811  -3.546  5.915   1.00 20.72 ? 1  DG  A "C1'" 1 
ATOM   9   N N9    . DG  A 1 1 ? 12.356  -2.385  5.116   1.00 20.43 ? 1  DG  A N9    1 
ATOM   10  C C8    . DG  A 1 1 ? 12.583  -2.126  3.790   1.00 20.06 ? 1  DG  A C8    1 
ATOM   11  N N7    . DG  A 1 1 ? 12.045  -1.029  3.363   1.00 20.04 ? 1  DG  A N7    1 
ATOM   12  C C5    . DG  A 1 1 ? 11.399  -0.515  4.471   1.00 20.08 ? 1  DG  A C5    1 
ATOM   13  C C6    . DG  A 1 1 ? 10.639  0.667   4.612   1.00 20.20 ? 1  DG  A C6    1 
ATOM   14  O O6    . DG  A 1 1 ? 10.359  1.540   3.779   1.00 20.61 ? 1  DG  A O6    1 
ATOM   15  N N1    . DG  A 1 1 ? 10.171  0.829   5.908   1.00 20.16 ? 1  DG  A N1    1 
ATOM   16  C C2    . DG  A 1 1 ? 10.402  -0.056  6.939   1.00 20.34 ? 1  DG  A C2    1 
ATOM   17  N N2    . DG  A 1 1 ? 9.888   0.198   8.140   1.00 20.23 ? 1  DG  A N2    1 
ATOM   18  N N3    . DG  A 1 1 ? 11.120  -1.178  6.816   1.00 20.43 ? 1  DG  A N3    1 
ATOM   19  C C4    . DG  A 1 1 ? 11.588  -1.336  5.553   1.00 20.22 ? 1  DG  A C4    1 
ATOM   20  P P     . DG  A 1 2 ? 9.552   -7.052  5.326   1.00 22.51 ? 2  DG  A P     1 
ATOM   21  O OP1   . DG  A 1 2 ? 9.337   -8.516  5.431   1.00 23.17 ? 2  DG  A OP1   1 
ATOM   22  O OP2   . DG  A 1 2 ? 9.154   -6.353  4.093   1.00 23.01 ? 2  DG  A OP2   1 
ATOM   23  O "O5'" . DG  A 1 2 ? 9.002   -6.300  6.602   1.00 22.27 ? 2  DG  A "O5'" 1 
ATOM   24  C "C5'" . DG  A 1 2 ? 7.621   -6.255  6.979   1.00 21.21 ? 2  DG  A "C5'" 1 
ATOM   25  C "C4'" . DG  A 1 2 ? 7.437   -5.042  7.845   1.00 20.10 ? 2  DG  A "C4'" 1 
ATOM   26  O "O4'" . DG  A 1 2 ? 8.345   -3.989  7.534   1.00 19.74 ? 2  DG  A "O4'" 1 
ATOM   27  C "C3'" . DG  A 1 2 ? 6.098   -4.342  7.662   1.00 19.96 ? 2  DG  A "C3'" 1 
ATOM   28  O "O3'" . DG  A 1 2 ? 5.074   -5.195  8.133   1.00 20.32 ? 2  DG  A "O3'" 1 
ATOM   29  C "C2'" . DG  A 1 2 ? 6.355   -3.081  8.453   1.00 19.36 ? 2  DG  A "C2'" 1 
ATOM   30  C "C1'" . DG  A 1 2 ? 7.694   -2.750  7.829   1.00 19.08 ? 2  DG  A "C1'" 1 
ATOM   31  N N9    . DG  A 1 2 ? 7.545   -1.991  6.591   1.00 18.52 ? 2  DG  A N9    1 
ATOM   32  C C8    . DG  A 1 2 ? 7.909   -2.381  5.334   1.00 18.54 ? 2  DG  A C8    1 
ATOM   33  N N7    . DG  A 1 2 ? 7.678   -1.484  4.435   1.00 18.69 ? 2  DG  A N7    1 
ATOM   34  C C5    . DG  A 1 2 ? 7.100   -0.434  5.138   1.00 18.72 ? 2  DG  A C5    1 
ATOM   35  C C6    . DG  A 1 2 ? 6.626   0.831   4.676   1.00 18.59 ? 2  DG  A C6    1 
ATOM   36  O O6    . DG  A 1 2 ? 6.647   1.249   3.506   1.00 18.68 ? 2  DG  A O6    1 
ATOM   37  N N1    . DG  A 1 2 ? 6.140   1.614   5.711   1.00 18.30 ? 2  DG  A N1    1 
ATOM   38  C C2    . DG  A 1 2 ? 6.098   1.227   7.028   1.00 18.59 ? 2  DG  A C2    1 
ATOM   39  N N2    . DG  A 1 2 ? 5.569   2.124   7.896   1.00 18.36 ? 2  DG  A N2    1 
ATOM   40  N N3    . DG  A 1 2 ? 6.543   0.053   7.467   1.00 18.64 ? 2  DG  A N3    1 
ATOM   41  C C4    . DG  A 1 2 ? 7.026   -0.728  6.474   1.00 18.52 ? 2  DG  A C4    1 
ATOM   42  P P     . DG  A 1 3 ? 3.680   -5.146  7.361   1.00 19.75 ? 3  DG  A P     1 
ATOM   43  O OP1   . DG  A 1 3 ? 2.994   -6.291  8.021   1.00 20.46 ? 3  DG  A OP1   1 
ATOM   44  O OP2   . DG  A 1 3 ? 3.983   -5.107  5.934   1.00 19.99 ? 3  DG  A OP2   1 
ATOM   45  O "O5'" . DG  A 1 3 ? 2.980   -3.855  7.928   1.00 19.26 ? 3  DG  A "O5'" 1 
ATOM   46  C "C5'" . DG  A 1 3 ? 2.742   -3.799  9.371   1.00 17.39 ? 3  DG  A "C5'" 1 
ATOM   47  C "C4'" . DG  A 1 3 ? 2.321   -2.367  9.587   1.00 16.56 ? 3  DG  A "C4'" 1 
ATOM   48  O "O4'" . DG  A 1 3 ? 3.244   -1.444  9.007   1.00 15.77 ? 3  DG  A "O4'" 1 
ATOM   49  C "C3'" . DG  A 1 3 ? 1.003   -2.015  8.913   1.00 16.10 ? 3  DG  A "C3'" 1 
ATOM   50  O "O3'" . DG  A 1 3 ? -0.079  -2.596  9.642   1.00 16.41 ? 3  DG  A "O3'" 1 
ATOM   51  C "C2'" . DG  A 1 3 ? 1.081   -0.503  8.917   1.00 15.45 ? 3  DG  A "C2'" 1 
ATOM   52  C "C1'" . DG  A 1 3 ? 2.528   -0.298  8.522   1.00 14.69 ? 3  DG  A "C1'" 1 
ATOM   53  N N9    . DG  A 1 3 ? 2.804   -0.214  7.071   1.00 14.09 ? 3  DG  A N9    1 
ATOM   54  C C8    . DG  A 1 3 ? 3.432   -1.088  6.225   1.00 13.82 ? 3  DG  A C8    1 
ATOM   55  N N7    . DG  A 1 3 ? 3.552   -0.643  5.003   1.00 13.61 ? 3  DG  A N7    1 
ATOM   56  C C5    . DG  A 1 3 ? 2.975   0.617   5.039   1.00 13.57 ? 3  DG  A C5    1 
ATOM   57  C C6    . DG  A 1 3 ? 2.782   1.579   4.026   1.00 13.69 ? 3  DG  A C6    1 
ATOM   58  O O6    . DG  A 1 3 ? 3.109   1.533   2.832   1.00 13.94 ? 3  DG  A O6    1 
ATOM   59  N N1    . DG  A 1 3 ? 2.150   2.724   4.496   1.00 13.55 ? 3  DG  A N1    1 
ATOM   60  C C2    . DG  A 1 3 ? 1.730   2.912   5.780   1.00 13.52 ? 3  DG  A C2    1 
ATOM   61  N N2    . DG  A 1 3 ? 1.119   4.048   6.121   1.00 13.78 ? 3  DG  A N2    1 
ATOM   62  N N3    . DG  A 1 3 ? 1.876   2.009   6.741   1.00 14.02 ? 3  DG  A N3    1 
ATOM   63  C C4    . DG  A 1 3 ? 2.518   0.890   6.301   1.00 13.78 ? 3  DG  A C4    1 
ATOM   64  P P     . DT  A 1 4 ? -1.422  -2.870  8.816   1.00 16.73 ? 4  DT  A P     1 
ATOM   65  O OP1   . DT  A 1 4 ? -2.362  -3.522  9.730   1.00 16.83 ? 4  DT  A OP1   1 
ATOM   66  O OP2   . DT  A 1 4 ? -1.017  -3.561  7.589   1.00 16.65 ? 4  DT  A OP2   1 
ATOM   67  O "O5'" . DT  A 1 4 ? -1.830  -1.335  8.591   1.00 16.63 ? 4  DT  A "O5'" 1 
ATOM   68  C "C5'" . DT  A 1 4 ? -2.533  -0.554  9.573   1.00 16.45 ? 4  DT  A "C5'" 1 
ATOM   69  C "C4'" . DT  A 1 4 ? -3.177  0.669   8.968   1.00 15.92 ? 4  DT  A "C4'" 1 
ATOM   70  O "O4'" . DT  A 1 4 ? -2.178  1.488   8.330   1.00 15.95 ? 4  DT  A "O4'" 1 
ATOM   71  C "C3'" . DT  A 1 4 ? -4.168  0.414   7.848   1.00 15.89 ? 4  DT  A "C3'" 1 
ATOM   72  O "O3'" . DT  A 1 4 ? -5.461  0.072   8.338   1.00 16.63 ? 4  DT  A "O3'" 1 
ATOM   73  C "C2'" . DT  A 1 4 ? -4.159  1.738   7.107   1.00 15.40 ? 4  DT  A "C2'" 1 
ATOM   74  C "C1'" . DT  A 1 4 ? -2.694  2.090   7.134   1.00 14.70 ? 4  DT  A "C1'" 1 
ATOM   75  N N1    . DT  A 1 4 ? -1.949  1.594   5.964   1.00 14.25 ? 4  DT  A N1    1 
ATOM   76  C C2    . DT  A 1 4 ? -1.794  2.441   4.881   1.00 13.92 ? 4  DT  A C2    1 
ATOM   77  O O2    . DT  A 1 4 ? -2.229  3.575   4.851   1.00 13.78 ? 4  DT  A O2    1 
ATOM   78  N N3    . DT  A 1 4 ? -1.079  1.903   3.843   1.00 13.82 ? 4  DT  A N3    1 
ATOM   79  C C4    . DT  A 1 4 ? -0.511  0.643   3.766   1.00 13.87 ? 4  DT  A C4    1 
ATOM   80  O O4    . DT  A 1 4 ? 0.117   0.312   2.757   1.00 13.85 ? 4  DT  A O4    1 
ATOM   81  C C5    . DT  A 1 4 ? -0.729  -0.175  4.927   1.00 13.93 ? 4  DT  A C5    1 
ATOM   82  C C7    . DT  A 1 4 ? -0.181  -1.571  4.990   1.00 13.78 ? 4  DT  A C7    1 
ATOM   83  C C6    . DT  A 1 4 ? -1.423  0.325   5.952   1.00 13.91 ? 4  DT  A C6    1 
ATOM   84  P P     . DA  A 1 5 ? -6.484  -0.665  7.360   1.00 17.47 ? 5  DA  A P     1 
ATOM   85  O OP1   . DA  A 1 5 ? -7.504  -1.257  8.264   1.00 17.44 ? 5  DA  A OP1   1 
ATOM   86  O OP2   . DA  A 1 5 ? -5.729  -1.680  6.558   1.00 17.27 ? 5  DA  A OP2   1 
ATOM   87  O "O5'" . DA  A 1 5 ? -7.073  0.436   6.405   1.00 16.67 ? 5  DA  A "O5'" 1 
ATOM   88  C "C5'" . DA  A 1 5 ? -7.679  1.700   6.712   1.00 16.08 ? 5  DA  A "C5'" 1 
ATOM   89  C "C4'" . DA  A 1 5 ? -7.690  2.550   5.476   1.00 15.75 ? 5  DA  A "C4'" 1 
ATOM   90  O "O4'" . DA  A 1 5 ? -6.337  3.020   5.237   1.00 15.32 ? 5  DA  A "O4'" 1 
ATOM   91  C "C3'" . DA  A 1 5 ? -8.077  1.900   4.141   1.00 15.71 ? 5  DA  A "C3'" 1 
ATOM   92  O "O3'" . DA  A 1 5 ? -9.459  1.655   3.977   1.00 15.83 ? 5  DA  A "O3'" 1 
ATOM   93  C "C2'" . DA  A 1 5 ? -7.520  2.972   3.197   1.00 15.39 ? 5  DA  A "C2'" 1 
ATOM   94  C "C1'" . DA  A 1 5 ? -6.153  3.157   3.839   1.00 14.59 ? 5  DA  A "C1'" 1 
ATOM   95  N N9    . DA  A 1 5 ? -5.252  2.147   3.268   1.00 14.01 ? 5  DA  A N9    1 
ATOM   96  C C8    . DA  A 1 5 ? -4.907  0.913   3.717   1.00 13.53 ? 5  DA  A C8    1 
ATOM   97  N N7    . DA  A 1 5 ? -4.103  0.275   2.911   1.00 13.82 ? 5  DA  A N7    1 
ATOM   98  C C5    . DA  A 1 5 ? -3.906  1.147   1.858   1.00 13.57 ? 5  DA  A C5    1 
ATOM   99  C C6    . DA  A 1 5 ? -3.163  1.057   0.668   1.00 13.73 ? 5  DA  A C6    1 
ATOM   100 N N6    . DA  A 1 5 ? -2.409  0.028   0.281   1.00 14.06 ? 5  DA  A N6    1 
ATOM   101 N N1    . DA  A 1 5 ? -3.221  2.122   -0.155  1.00 13.89 ? 5  DA  A N1    1 
ATOM   102 C C2    . DA  A 1 5 ? -3.961  3.188   0.179   1.00 13.69 ? 5  DA  A C2    1 
ATOM   103 N N3    . DA  A 1 5 ? -4.705  3.373   1.260   1.00 13.65 ? 5  DA  A N3    1 
ATOM   104 C C4    . DA  A 1 5 ? -4.625  2.303   2.060   1.00 13.51 ? 5  DA  A C4    1 
ATOM   105 P P     . DC  A 1 6 ? -10.393 0.642   3.263   1.00 15.70 ? 6  DC  A P     1 
ATOM   106 O OP1   . DC  A 1 6 ? -11.645 0.831   4.042   1.00 16.85 ? 6  DC  A OP1   1 
ATOM   107 O OP2   . DC  A 1 6 ? -9.957  -0.761  3.237   1.00 16.36 ? 6  DC  A OP2   1 
ATOM   108 O "O5'" . DC  A 1 6 ? -10.479 1.086   1.744   1.00 16.36 ? 6  DC  A "O5'" 1 
ATOM   109 C "C5'" . DC  A 1 6 ? -10.838 2.431   1.355   1.00 15.72 ? 6  DC  A "C5'" 1 
ATOM   110 C "C4'" . DC  A 1 6 ? -10.265 2.691   -0.020  1.00 15.52 ? 6  DC  A "C4'" 1 
ATOM   111 O "O4'" . DC  A 1 6 ? -8.848  2.889   0.147   1.00 15.25 ? 6  DC  A "O4'" 1 
ATOM   112 C "C3'" . DC  A 1 6 ? -10.332 1.595   -1.061  1.00 15.95 ? 6  DC  A "C3'" 1 
ATOM   113 O "O3'" . DC  A 1 6 ? -11.582 1.496   -1.726  1.00 17.25 ? 6  DC  A "O3'" 1 
ATOM   114 C "C2'" . DC  A 1 6 ? -9.227  2.036   -2.016  1.00 15.59 ? 6  DC  A "C2'" 1 
ATOM   115 C "C1'" . DC  A 1 6 ? -8.157  2.423   -1.000  1.00 14.75 ? 6  DC  A "C1'" 1 
ATOM   116 N N1    . DC  A 1 6 ? -7.324  1.238   -0.755  1.00 14.43 ? 6  DC  A N1    1 
ATOM   117 C C2    . DC  A 1 6 ? -6.313  0.981   -1.683  1.00 14.01 ? 6  DC  A C2    1 
ATOM   118 O O2    . DC  A 1 6 ? -6.171  1.765   -2.620  1.00 14.44 ? 6  DC  A O2    1 
ATOM   119 N N3    . DC  A 1 6 ? -5.543  -0.104  -1.515  1.00 14.11 ? 6  DC  A N3    1 
ATOM   120 C C4    . DC  A 1 6 ? -5.733  -0.924  -0.491  1.00 14.21 ? 6  DC  A C4    1 
ATOM   121 N N4    . DC  A 1 6 ? -4.949  -2.003  -0.359  1.00 14.07 ? 6  DC  A N4    1 
ATOM   122 C C5    . DC  A 1 6 ? -6.778  -0.694  0.461   1.00 14.04 ? 6  DC  A C5    1 
ATOM   123 C C6    . DC  A 1 6 ? -7.540  0.390   0.284   1.00 14.26 ? 6  DC  A C6    1 
ATOM   124 P P     . DC  A 1 7 ? -12.276 0.303   -2.463  1.00 17.64 ? 7  DC  A P     1 
ATOM   125 O OP1   . DC  A 1 7 ? -13.682 0.772   -2.535  1.00 18.44 ? 7  DC  A OP1   1 
ATOM   126 O OP2   . DC  A 1 7 ? -12.089 -1.005  -1.813  1.00 17.89 ? 7  DC  A OP2   1 
ATOM   127 O "O5'" . DC  A 1 7 ? -11.632 0.168   -3.893  1.00 17.72 ? 7  DC  A "O5'" 1 
ATOM   128 C "C5'" . DC  A 1 7 ? -11.561 1.281   -4.794  1.00 18.29 ? 7  DC  A "C5'" 1 
ATOM   129 C "C4'" . DC  A 1 7 ? -10.707 0.902   -5.987  1.00 18.11 ? 7  DC  A "C4'" 1 
ATOM   130 O "O4'" . DC  A 1 7 ? -9.330  0.990   -5.597  1.00 18.10 ? 7  DC  A "O4'" 1 
ATOM   131 C "C3'" . DC  A 1 7 ? -10.861 -0.514  -6.510  1.00 18.08 ? 7  DC  A "C3'" 1 
ATOM   132 O "O3'" . DC  A 1 7 ? -12.004 -0.669  -7.332  1.00 18.48 ? 7  DC  A "O3'" 1 
ATOM   133 C "C2'" . DC  A 1 7 ? -9.563  -0.696  -7.273  1.00 17.93 ? 7  DC  A "C2'" 1 
ATOM   134 C "C1'" . DC  A 1 7 ? -8.597  -0.015  -6.317  1.00 17.94 ? 7  DC  A "C1'" 1 
ATOM   135 N N1    . DC  A 1 7 ? -7.997  -0.997  -5.400  1.00 18.20 ? 7  DC  A N1    1 
ATOM   136 C C2    . DC  A 1 7 ? -6.978  -1.804  -5.925  1.00 18.10 ? 7  DC  A C2    1 
ATOM   137 O O2    . DC  A 1 7 ? -6.653  -1.643  -7.110  1.00 17.88 ? 7  DC  A O2    1 
ATOM   138 N N3    . DC  A 1 7 ? -6.403  -2.706  -5.092  1.00 17.95 ? 7  DC  A N3    1 
ATOM   139 C C4    . DC  A 1 7 ? -6.798  -2.837  -3.842  1.00 17.87 ? 7  DC  A C4    1 
ATOM   140 N N4    . DC  A 1 7 ? -6.183  -3.764  -3.107  1.00 18.00 ? 7  DC  A N4    1 
ATOM   141 C C5    . DC  A 1 7 ? -7.839  -2.042  -3.313  1.00 18.01 ? 7  DC  A C5    1 
ATOM   142 C C6    . DC  A 1 7 ? -8.406  -1.137  -4.110  1.00 18.20 ? 7  DC  A C6    1 
ATOM   143 P P     . DC  A 1 8 ? -12.859 -1.951  -7.473  1.00 18.68 ? 8  DC  A P     1 
ATOM   144 O OP1   . DC  A 1 8 ? -14.018 -1.609  -8.328  1.00 20.20 ? 8  DC  A OP1   1 
ATOM   145 O OP2   . DC  A 1 8 ? -13.262 -2.594  -6.204  1.00 19.69 ? 8  DC  A OP2   1 
ATOM   146 O "O5'" . DC  A 1 8 ? -12.042 -3.000  -8.326  1.00 19.26 ? 8  DC  A "O5'" 1 
ATOM   147 C "C5'" . DC  A 1 8 ? -11.797 -2.598  -9.705  1.00 20.04 ? 8  DC  A "C5'" 1 
ATOM   148 C "C4'" . DC  A 1 8 ? -10.828 -3.626  -10.243 1.00 20.19 ? 8  DC  A "C4'" 1 
ATOM   149 O "O4'" . DC  A 1 8 ? -9.582  -3.533  -9.534  1.00 20.00 ? 8  DC  A "O4'" 1 
ATOM   150 C "C3'" . DC  A 1 8 ? -11.304 -5.052  -10.077 1.00 20.34 ? 8  DC  A "C3'" 1 
ATOM   151 O "O3'" . DC  A 1 8 ? -12.146 -5.441  -11.182 1.00 21.56 ? 8  DC  A "O3'" 1 
ATOM   152 C "C2'" . DC  A 1 8 ? -10.017 -5.839  -9.980  1.00 20.23 ? 8  DC  A "C2'" 1 
ATOM   153 C "C1'" . DC  A 1 8 ? -9.031  -4.836  -9.398  1.00 19.62 ? 8  DC  A "C1'" 1 
ATOM   154 N N1    . DC  A 1 8 ? -8.773  -5.119  -7.973  1.00 19.20 ? 8  DC  A N1    1 
ATOM   155 C C2    . DC  A 1 8 ? -7.718  -6.004  -7.747  1.00 19.22 ? 8  DC  A C2    1 
ATOM   156 O O2    . DC  A 1 8 ? -7.124  -6.444  -8.742  1.00 19.68 ? 8  DC  A O2    1 
ATOM   157 N N3    . DC  A 1 8 ? -7.384  -6.332  -6.481  1.00 19.13 ? 8  DC  A N3    1 
ATOM   158 C C4    . DC  A 1 8 ? -8.059  -5.818  -5.470  1.00 18.88 ? 8  DC  A C4    1 
ATOM   159 N N4    . DC  A 1 8 ? -7.727  -6.143  -4.221  1.00 18.99 ? 8  DC  A N4    1 
ATOM   160 C C5    . DC  A 1 8 ? -9.165  -4.924  -5.681  1.00 19.20 ? 8  DC  A C5    1 
ATOM   161 C C6    . DC  A 1 8 ? -9.480  -4.597  -6.941  1.00 19.23 ? 8  DC  A C6    1 
ATOM   162 O "O5'" . DG  B 1 1 ? 0.210   -12.689 -3.402  1.00 22.81 ? 9  DG  B "O5'" 1 
ATOM   163 C "C5'" . DG  B 1 1 ? 1.030   -13.159 -4.508  1.00 21.99 ? 9  DG  B "C5'" 1 
ATOM   164 C "C4'" . DG  B 1 1 ? 0.440   -12.718 -5.820  1.00 21.82 ? 9  DG  B "C4'" 1 
ATOM   165 O "O4'" . DG  B 1 1 ? -0.992  -12.901 -5.794  1.00 21.36 ? 9  DG  B "O4'" 1 
ATOM   166 C "C3'" . DG  B 1 1 ? 0.622   -11.245 -6.166  1.00 21.78 ? 9  DG  B "C3'" 1 
ATOM   167 O "O3'" . DG  B 1 1 ? 1.923   -10.906 -6.639  1.00 22.30 ? 9  DG  B "O3'" 1 
ATOM   168 C "C2'" . DG  B 1 1 ? -0.445  -11.077 -7.238  1.00 21.49 ? 9  DG  B "C2'" 1 
ATOM   169 C "C1'" . DG  B 1 1 ? -1.572  -11.849 -6.607  1.00 20.99 ? 9  DG  B "C1'" 1 
ATOM   170 N N9    . DG  B 1 1 ? -2.441  -11.036 -5.729  1.00 20.62 ? 9  DG  B N9    1 
ATOM   171 C C8    . DG  B 1 1 ? -2.535  -11.100 -4.364  1.00 20.31 ? 9  DG  B C8    1 
ATOM   172 N N7    . DG  B 1 1 ? -3.416  -10.284 -3.859  1.00 20.20 ? 9  DG  B N7    1 
ATOM   173 C C5    . DG  B 1 1 ? -3.949  -9.643  -4.968  1.00 20.27 ? 9  DG  B C5    1 
ATOM   174 C C6    . DG  B 1 1 ? -4.963  -8.656  -5.036  1.00 20.16 ? 9  DG  B C6    1 
ATOM   175 O O6    . DG  B 1 1 ? -5.602  -8.122  -4.114  1.00 20.15 ? 9  DG  B O6    1 
ATOM   176 N N1    . DG  B 1 1 ? -5.229  -8.280  -6.347  1.00 19.84 ? 9  DG  B N1    1 
ATOM   177 C C2    . DG  B 1 1 ? -4.590  -8.793  -7.446  1.00 19.93 ? 9  DG  B C2    1 
ATOM   178 N N2    . DG  B 1 1 ? -4.918  -8.345  -8.664  1.00 19.95 ? 9  DG  B N2    1 
ATOM   179 N N3    . DG  B 1 1 ? -3.646  -9.731  -7.398  1.00 20.30 ? 9  DG  B N3    1 
ATOM   180 C C4    . DG  B 1 1 ? -3.370  -10.103 -6.126  1.00 20.21 ? 9  DG  B C4    1 
ATOM   181 P P     . DG  B 1 2 ? 2.461   -9.403  -6.358  1.00 22.46 ? 10 DG  B P     1 
ATOM   182 O OP1   . DG  B 1 2 ? 3.877   -9.508  -6.675  1.00 22.73 ? 10 DG  B OP1   1 
ATOM   183 O OP2   . DG  B 1 2 ? 1.970   -9.002  -5.025  1.00 22.66 ? 10 DG  B OP2   1 
ATOM   184 O "O5'" . DG  B 1 2 ? 1.729   -8.504  -7.416  1.00 21.67 ? 10 DG  B "O5'" 1 
ATOM   185 C "C5'" . DG  B 1 2 ? 2.168   -8.198  -8.739  1.00 20.76 ? 10 DG  B "C5'" 1 
ATOM   186 C "C4'" . DG  B 1 2 ? 1.004   -7.507  -9.410  1.00 19.99 ? 10 DG  B "C4'" 1 
ATOM   187 O "O4'" . DG  B 1 2 ? -0.215  -8.133  -8.962  1.00 19.59 ? 10 DG  B "O4'" 1 
ATOM   188 C "C3'" . DG  B 1 2 ? 0.788   -6.038  -9.099  1.00 20.10 ? 10 DG  B "C3'" 1 
ATOM   189 O "O3'" . DG  B 1 2 ? 1.646   -5.159  -9.825  1.00 20.30 ? 10 DG  B "O3'" 1 
ATOM   190 C "C2'" . DG  B 1 2 ? -0.668  -5.841  -9.491  1.00 19.27 ? 10 DG  B "C2'" 1 
ATOM   191 C "C1'" . DG  B 1 2 ? -1.227  -7.137  -8.940  1.00 19.03 ? 10 DG  B "C1'" 1 
ATOM   192 N N9    . DG  B 1 2 ? -1.683  -6.914  -7.555  1.00 18.68 ? 10 DG  B N9    1 
ATOM   193 C C8    . DG  B 1 2 ? -1.281  -7.494  -6.388  1.00 18.40 ? 10 DG  B C8    1 
ATOM   194 N N7    . DG  B 1 2 ? -1.924  -7.038  -5.361  1.00 18.55 ? 10 DG  B N7    1 
ATOM   195 C C5    . DG  B 1 2 ? -2.804  -6.092  -5.874  1.00 18.53 ? 10 DG  B C5    1 
ATOM   196 C C6    . DG  B 1 2 ? -3.758  -5.264  -5.245  1.00 18.35 ? 10 DG  B C6    1 
ATOM   197 O O6    . DG  B 1 2 ? -4.018  -5.186  -4.041  1.00 18.60 ? 10 DG  B O6    1 
ATOM   198 N N1    . DG  B 1 2 ? -4.417  -4.458  -6.161  1.00 18.39 ? 10 DG  B N1    1 
ATOM   199 C C2    . DG  B 1 2 ? -4.205  -4.431  -7.509  1.00 18.42 ? 10 DG  B C2    1 
ATOM   200 N N2    . DG  B 1 2 ? -4.931  -3.596  -8.256  1.00 18.28 ? 10 DG  B N2    1 
ATOM   201 N N3    . DG  B 1 2 ? -3.313  -5.198  -8.102  1.00 18.75 ? 10 DG  B N3    1 
ATOM   202 C C4    . DG  B 1 2 ? -2.654  -6.000  -7.228  1.00 18.46 ? 10 DG  B C4    1 
ATOM   203 P P     . DG  B 1 3 ? 2.592   -4.238  -8.954  1.00 20.71 ? 11 DG  B P     1 
ATOM   204 O OP1   . DG  B 1 3 ? 3.740   -4.044  -9.872  1.00 20.84 ? 11 DG  B OP1   1 
ATOM   205 O OP2   . DG  B 1 3 ? 2.666   -4.737  -7.556  1.00 19.92 ? 11 DG  B OP2   1 
ATOM   206 O "O5'" . DG  B 1 3 ? 1.795   -2.842  -8.928  1.00 19.55 ? 11 DG  B "O5'" 1 
ATOM   207 C "C5'" . DG  B 1 3 ? 1.255   -2.308  -10.150 1.00 17.86 ? 11 DG  B "C5'" 1 
ATOM   208 C "C4'" . DG  B 1 3 ? -0.002  -1.618  -9.733  1.00 16.55 ? 11 DG  B "C4'" 1 
ATOM   209 O "O4'" . DG  B 1 3 ? -0.724  -2.479  -8.837  1.00 16.09 ? 11 DG  B "O4'" 1 
ATOM   210 C "C3'" . DG  B 1 3 ? 0.102   -0.378  -8.872  1.00 16.41 ? 11 DG  B "C3'" 1 
ATOM   211 O "O3'" . DG  B 1 3 ? 0.647   0.710   -9.632  1.00 16.77 ? 11 DG  B "O3'" 1 
ATOM   212 C "C2'" . DG  B 1 3 ? -1.344  -0.219  -8.408  1.00 15.85 ? 11 DG  B "C2'" 1 
ATOM   213 C "C1'" . DG  B 1 3 ? -1.740  -1.661  -8.222  1.00 15.10 ? 11 DG  B "C1'" 1 
ATOM   214 N N9    . DG  B 1 3 ? -1.826  -2.091  -6.827  1.00 14.58 ? 11 DG  B N9    1 
ATOM   215 C C8    . DG  B 1 3 ? -1.173  -3.121  -6.199  1.00 14.23 ? 11 DG  B C8    1 
ATOM   216 N N7    . DG  B 1 3 ? -1.467  -3.236  -4.936  1.00 14.27 ? 11 DG  B N7    1 
ATOM   217 C C5    . DG  B 1 3 ? -2.366  -2.203  -4.703  1.00 14.37 ? 11 DG  B C5    1 
ATOM   218 C C6    . DG  B 1 3 ? -3.018  -1.802  -3.516  1.00 14.12 ? 11 DG  B C6    1 
ATOM   219 O O6    . DG  B 1 3 ? -2.966  -2.306  -2.394  1.00 13.94 ? 11 DG  B O6    1 
ATOM   220 N N1    . DG  B 1 3 ? -3.850  -0.700  -3.739  1.00 14.07 ? 11 DG  B N1    1 
ATOM   221 C C2    . DG  B 1 3 ? -4.011  -0.054  -4.926  1.00 13.99 ? 11 DG  B C2    1 
ATOM   222 N N2    . DG  B 1 3 ? -4.834  0.993   -4.973  1.00 14.33 ? 11 DG  B N2    1 
ATOM   223 N N3    . DG  B 1 3 ? -3.389  -0.408  -6.036  1.00 14.45 ? 11 DG  B N3    1 
ATOM   224 C C4    . DG  B 1 3 ? -2.593  -1.489  -5.861  1.00 14.45 ? 11 DG  B C4    1 
ATOM   225 P P     . DT  B 1 4 ? 1.094   1.915   -8.696  1.00 16.74 ? 12 DT  B P     1 
ATOM   226 O OP1   . DT  B 1 4 ? 1.807   2.912   -9.496  1.00 17.43 ? 12 DT  B OP1   1 
ATOM   227 O OP2   . DT  B 1 4 ? 1.946   1.348   -7.600  1.00 17.96 ? 12 DT  B OP2   1 
ATOM   228 O "O5'" . DT  B 1 4 ? -0.300  2.330   -8.114  1.00 16.95 ? 12 DT  B "O5'" 1 
ATOM   229 C "C5'" . DT  B 1 4 ? -1.152  3.164   -8.953  1.00 16.84 ? 12 DT  B "C5'" 1 
ATOM   230 C "C4'" . DT  B 1 4 ? -1.893  4.101   -8.022  1.00 15.72 ? 12 DT  B "C4'" 1 
ATOM   231 O "O4'" . DT  B 1 4 ? -2.670  3.322   -7.107  1.00 15.25 ? 12 DT  B "O4'" 1 
ATOM   232 C "C3'" . DT  B 1 4 ? -1.011  4.968   -7.152  1.00 16.15 ? 12 DT  B "C3'" 1 
ATOM   233 O "O3'" . DT  B 1 4 ? -0.606  6.186   -7.792  1.00 16.60 ? 12 DT  B "O3'" 1 
ATOM   234 C "C2'" . DT  B 1 4 ? -1.887  5.225   -5.938  1.00 15.48 ? 12 DT  B "C2'" 1 
ATOM   235 C "C1'" . DT  B 1 4 ? -2.666  3.946   -5.803  1.00 14.64 ? 12 DT  B "C1'" 1 
ATOM   236 N N1    . DT  B 1 4 ? -2.096  2.972   -4.860  1.00 14.38 ? 12 DT  B N1    1 
ATOM   237 C C2    . DT  B 1 4 ? -2.562  3.007   -3.568  1.00 14.47 ? 12 DT  B C2    1 
ATOM   238 O O2    . DT  B 1 4 ? -3.392  3.778   -3.098  1.00 14.36 ? 12 DT  B O2    1 
ATOM   239 N N3    . DT  B 1 4 ? -2.026  2.037   -2.751  1.00 14.57 ? 12 DT  B N3    1 
ATOM   240 C C4    . DT  B 1 4 ? -1.086  1.069   -3.058  1.00 14.49 ? 12 DT  B C4    1 
ATOM   241 O O4    . DT  B 1 4 ? -0.701  0.275   -2.207  1.00 14.89 ? 12 DT  B O4    1 
ATOM   242 C C5    . DT  B 1 4 ? -0.642  1.119   -4.420  1.00 14.49 ? 12 DT  B C5    1 
ATOM   243 C C7    . DT  B 1 4 ? 0.377   0.122   -4.882  1.00 14.75 ? 12 DT  B C7    1 
ATOM   244 C C6    . DT  B 1 4 ? -1.164  2.036   -5.240  1.00 14.48 ? 12 DT  B C6    1 
ATOM   245 P P     . DA  B 1 5 ? 0.374   7.102   -6.994  1.00 17.84 ? 13 DA  B P     1 
ATOM   246 O OP1   . DA  B 1 5 ? 0.497   8.317   -7.822  1.00 18.05 ? 13 DA  B OP1   1 
ATOM   247 O OP2   . DA  B 1 5 ? 1.620   6.249   -6.791  1.00 18.04 ? 13 DA  B OP2   1 
ATOM   248 O "O5'" . DA  B 1 5 ? -0.077  7.431   -5.508  1.00 16.79 ? 13 DA  B "O5'" 1 
ATOM   249 C "C5'" . DA  B 1 5 ? -0.540  8.738   -5.141  1.00 16.24 ? 13 DA  B "C5'" 1 
ATOM   250 C "C4'" . DA  B 1 5 ? -1.047  8.708   -3.730  1.00 15.63 ? 13 DA  B "C4'" 1 
ATOM   251 O "O4'" . DA  B 1 5 ? -1.529  7.369   -3.500  1.00 15.88 ? 13 DA  B "O4'" 1 
ATOM   252 C "C3'" . DA  B 1 5 ? -0.087  8.841   -2.573  1.00 15.99 ? 13 DA  B "C3'" 1 
ATOM   253 O "O3'" . DA  B 1 5 ? 0.340   10.162  -2.335  1.00 17.43 ? 13 DA  B "O3'" 1 
ATOM   254 C "C2'" . DA  B 1 5 ? -0.962  8.326   -1.430  1.00 15.19 ? 13 DA  B "C2'" 1 
ATOM   255 C "C1'" . DA  B 1 5 ? -1.588  7.126   -2.084  1.00 14.55 ? 13 DA  B "C1'" 1 
ATOM   256 N N9    . DA  B 1 5 ? -0.898  5.853   -1.779  1.00 14.13 ? 13 DA  B N9    1 
ATOM   257 C C8    . DA  B 1 5 ? -0.054  5.083   -2.550  1.00 13.75 ? 13 DA  B C8    1 
ATOM   258 N N7    . DA  B 1 5 ? 0.349   3.995   -1.952  1.00 13.49 ? 13 DA  B N7    1 
ATOM   259 C C5    . DA  B 1 5 ? -0.262  4.049   -0.713  1.00 13.51 ? 13 DA  B C5    1 
ATOM   260 C C6    . DA  B 1 5 ? -0.231  3.196   0.405   1.00 13.44 ? 13 DA  B C6    1 
ATOM   261 N N6    . DA  B 1 5 ? 0.463   2.057   0.475   1.00 13.49 ? 13 DA  B N6    1 
ATOM   262 N N1    . DA  B 1 5 ? -0.963  3.554   1.464   1.00 13.53 ? 13 DA  B N1    1 
ATOM   263 C C2    . DA  B 1 5 ? -1.661  4.685   1.443   1.00 13.64 ? 13 DA  B C2    1 
ATOM   264 N N3    . DA  B 1 5 ? -1.776  5.557   0.451   1.00 13.87 ? 13 DA  B N3    1 
ATOM   265 C C4    . DA  B 1 5 ? -1.032  5.177   -0.599  1.00 13.45 ? 13 DA  B C4    1 
ATOM   266 P P     . DC  B 1 6 ? 1.740   10.735  -1.853  1.00 17.47 ? 14 DC  B P     1 
ATOM   267 O OP1   . DC  B 1 6 ? 1.715   12.129  -2.402  1.00 18.18 ? 14 DC  B OP1   1 
ATOM   268 O OP2   . DC  B 1 6 ? 2.779   9.830   -2.371  1.00 18.21 ? 14 DC  B OP2   1 
ATOM   269 O "O5'" . DC  B 1 6 ? 1.626   10.669  -0.284  1.00 17.19 ? 14 DC  B "O5'" 1 
ATOM   270 C "C5'" . DC  B 1 6 ? 0.453   11.082  0.424   1.00 16.89 ? 14 DC  B "C5'" 1 
ATOM   271 C "C4'" . DC  B 1 6 ? 0.286   10.349  1.728   1.00 16.69 ? 14 DC  B "C4'" 1 
ATOM   272 O "O4'" . DC  B 1 6 ? -0.083  8.980   1.435   1.00 16.19 ? 14 DC  B "O4'" 1 
ATOM   273 C "C3'" . DC  B 1 6 ? 1.490   10.145  2.638   1.00 16.91 ? 14 DC  B "C3'" 1 
ATOM   274 O "O3'" . DC  B 1 6 ? 1.927   11.322  3.328   1.00 17.82 ? 14 DC  B "O3'" 1 
ATOM   275 C "C2'" . DC  B 1 6 ? 0.946   9.058   3.565   1.00 16.47 ? 14 DC  B "C2'" 1 
ATOM   276 C "C1'" . DC  B 1 6 ? 0.243   8.158   2.565   1.00 15.22 ? 14 DC  B "C1'" 1 
ATOM   277 N N1    . DC  B 1 6 ? 1.071   7.031   2.136   1.00 14.79 ? 14 DC  B N1    1 
ATOM   278 C C2    . DC  B 1 6 ? 1.125   5.909   2.958   1.00 14.54 ? 14 DC  B C2    1 
ATOM   279 O O2    . DC  B 1 6 ? 0.490   5.937   4.014   1.00 14.62 ? 14 DC  B O2    1 
ATOM   280 N N3    . DC  B 1 6 ? 1.872   4.845   2.566   1.00 14.58 ? 14 DC  B N3    1 
ATOM   281 C C4    . DC  B 1 6 ? 2.558   4.875   1.432   1.00 14.46 ? 14 DC  B C4    1 
ATOM   282 N N4    . DC  B 1 6 ? 3.295   3.823   1.081   1.00 14.54 ? 14 DC  B N4    1 
ATOM   283 C C5    . DC  B 1 6 ? 2.505   6.016   0.576   1.00 14.80 ? 14 DC  B C5    1 
ATOM   284 C C6    . DC  B 1 6 ? 1.770   7.049   0.964   1.00 14.72 ? 14 DC  B C6    1 
ATOM   285 P P     . DC  B 1 7 ? 3.505   11.469  3.684   1.00 18.12 ? 15 DC  B P     1 
ATOM   286 O OP1   . DC  B 1 7 ? 3.649   12.806  4.273   1.00 18.47 ? 15 DC  B OP1   1 
ATOM   287 O OP2   . DC  B 1 7 ? 4.358   11.140  2.544   1.00 18.01 ? 15 DC  B OP2   1 
ATOM   288 O "O5'" . DC  B 1 7 ? 3.626   10.329  4.809   1.00 18.34 ? 15 DC  B "O5'" 1 
ATOM   289 C "C5'" . DC  B 1 7 ? 3.230   10.599  6.165   1.00 18.49 ? 15 DC  B "C5'" 1 
ATOM   290 C "C4'" . DC  B 1 7 ? 3.412   9.348   6.979   1.00 18.66 ? 15 DC  B "C4'" 1 
ATOM   291 O "O4'" . DC  B 1 7 ? 2.984   8.283   6.105   1.00 18.72 ? 15 DC  B "O4'" 1 
ATOM   292 C "C3'" . DC  B 1 7 ? 4.793   8.864   7.385   1.00 19.12 ? 15 DC  B "C3'" 1 
ATOM   293 O "O3'" . DC  B 1 7 ? 5.370   9.540   8.490   1.00 20.34 ? 15 DC  B "O3'" 1 
ATOM   294 C "C2'" . DC  B 1 7 ? 4.469   7.411   7.728   1.00 19.14 ? 15 DC  B "C2'" 1 
ATOM   295 C "C1'" . DC  B 1 7 ? 3.486   7.046   6.628   1.00 18.54 ? 15 DC  B "C1'" 1 
ATOM   296 N N1    . DC  B 1 7 ? 4.129   6.256   5.579   1.00 18.07 ? 15 DC  B N1    1 
ATOM   297 C C2    . DC  B 1 7 ? 4.510   4.947   5.900   1.00 18.17 ? 15 DC  B C2    1 
ATOM   298 O O2    . DC  B 1 7 ? 4.266   4.539   7.047   1.00 18.61 ? 15 DC  B O2    1 
ATOM   299 N N3    . DC  B 1 7 ? 5.119   4.193   4.956   1.00 17.86 ? 15 DC  B N3    1 
ATOM   300 C C4    . DC  B 1 7 ? 5.350   4.714   3.758   1.00 17.98 ? 15 DC  B C4    1 
ATOM   301 N N4    . DC  B 1 7 ? 5.955   3.961   2.826   1.00 17.97 ? 15 DC  B N4    1 
ATOM   302 C C5    . DC  B 1 7 ? 4.981   6.052   3.413   1.00 17.92 ? 15 DC  B C5    1 
ATOM   303 C C6    . DC  B 1 7 ? 4.394   6.786   4.348   1.00 17.90 ? 15 DC  B C6    1 
ATOM   304 P P     . DC  B 1 8 ? 6.869   10.031  8.711   1.00 20.91 ? 16 DC  B P     1 
ATOM   305 O OP1   . DC  B 1 8 ? 6.766   11.136  9.674   1.00 21.06 ? 16 DC  B OP1   1 
ATOM   306 O OP2   . DC  B 1 8 ? 7.603   10.197  7.433   1.00 20.95 ? 16 DC  B OP2   1 
ATOM   307 O "O5'" . DC  B 1 8 ? 7.479   8.735   9.401   1.00 20.71 ? 16 DC  B "O5'" 1 
ATOM   308 C "C5'" . DC  B 1 8 ? 7.097   8.257   10.716  1.00 20.42 ? 16 DC  B "C5'" 1 
ATOM   309 C "C4'" . DC  B 1 8 ? 7.676   6.861   10.794  1.00 20.22 ? 16 DC  B "C4'" 1 
ATOM   310 O "O4'" . DC  B 1 8 ? 7.040   6.049   9.787   1.00 19.65 ? 16 DC  B "O4'" 1 
ATOM   311 C "C3'" . DC  B 1 8 ? 9.157   6.681   10.495  1.00 20.12 ? 16 DC  B "C3'" 1 
ATOM   312 O "O3'" . DC  B 1 8 ? 10.028  7.107   11.550  1.00 20.65 ? 16 DC  B "O3'" 1 
ATOM   313 C "C2'" . DC  B 1 8 ? 9.196   5.180   10.236  1.00 20.14 ? 16 DC  B "C2'" 1 
ATOM   314 C "C1'" . DC  B 1 8 ? 7.880   4.952   9.501   1.00 19.65 ? 16 DC  B "C1'" 1 
ATOM   315 N N1    . DC  B 1 8 ? 8.144   4.838   8.057   1.00 19.69 ? 16 DC  B N1    1 
ATOM   316 C C2    . DC  B 1 8 ? 8.651   3.602   7.641   1.00 19.89 ? 16 DC  B C2    1 
ATOM   317 O O2    . DC  B 1 8 ? 8.833   2.720   8.491   1.00 20.20 ? 16 DC  B O2    1 
ATOM   318 N N3    . DC  B 1 8 ? 8.911   3.377   6.337   1.00 19.72 ? 16 DC  B N3    1 
ATOM   319 C C4    . DC  B 1 8 ? 8.722   4.349   5.453   1.00 19.44 ? 16 DC  B C4    1 
ATOM   320 N N4    . DC  B 1 8 ? 9.031   4.111   4.169   1.00 19.33 ? 16 DC  B N4    1 
ATOM   321 C C5    . DC  B 1 8 ? 8.210   5.619   5.858   1.00 19.32 ? 16 DC  B C5    1 
ATOM   322 C C6    . DC  B 1 8 ? 7.941   5.820   7.146   1.00 19.56 ? 16 DC  B C6    1 
HETATM 323 O O     . HOH C 2 . ? -7.773  -9.195  -10.801 1.00 21.08 ? 17 HOH A O     1 
HETATM 324 O O     . HOH C 2 . ? -11.579 -3.789  -3.640  1.00 28.53 ? 18 HOH A O     1 
HETATM 325 O O     . HOH C 2 . ? -14.277 -0.842  2.415   1.00 41.08 ? 21 HOH A O     1 
HETATM 326 O O     . HOH C 2 . ? -3.894  -5.612  5.832   1.00 47.16 ? 22 HOH A O     1 
HETATM 327 O O     . HOH C 2 . ? 7.760   -1.093  0.601   1.00 53.64 ? 23 HOH A O     1 
HETATM 328 O O     . HOH C 2 . ? -3.586  -3.301  5.768   1.00 20.40 ? 24 HOH A O     1 
HETATM 329 O O     . HOH C 2 . ? -7.123  -4.547  -0.864  1.00 37.37 ? 26 HOH A O     1 
HETATM 330 O O     . HOH C 2 . ? 4.787   -2.942  3.885   1.00 31.79 ? 29 HOH A O     1 
HETATM 331 O O     . HOH C 2 . ? 7.090   -4.936  2.000   1.00 31.05 ? 30 HOH A O     1 
HETATM 332 O O     . HOH C 2 . ? 15.170  -3.750  1.424   1.00 19.80 ? 31 HOH A O     1 
HETATM 333 O O     . HOH C 2 . ? -14.636 0.722   -9.668  1.00 22.69 ? 35 HOH A O     1 
HETATM 334 O O     . HOH C 2 . ? 1.427   -2.011  1.340   1.00 23.43 ? 36 HOH A O     1 
HETATM 335 O O     . HOH C 2 . ? -1.384  -2.695  0.647   1.00 23.12 ? 37 HOH A O     1 
HETATM 336 O O     . HOH C 2 . ? -12.086 3.970   3.953   1.00 23.72 ? 38 HOH A O     1 
HETATM 337 O O     . HOH C 2 . ? 0.164   -5.814  3.906   1.00 27.57 ? 40 HOH A O     1 
HETATM 338 O O     . HOH C 2 . ? -3.301  -2.479  3.020   1.00 14.62 ? 42 HOH A O     1 
HETATM 339 O O     . HOH C 2 . ? -0.305  -6.584  8.250   1.00 41.96 ? 48 HOH A O     1 
HETATM 340 O O     . HOH C 2 . ? -14.215 3.123   -7.510  1.00 33.23 ? 49 HOH A O     1 
HETATM 341 O O     . HOH C 2 . ? -14.175 3.761   0.530   1.00 35.81 ? 50 HOH A O     1 
HETATM 342 O O     . HOH C 2 . ? 7.468   -9.942  7.124   1.00 20.81 ? 55 HOH A O     1 
HETATM 343 O O     . HOH C 2 . ? -3.888  -11.812 7.716   1.00 56.45 ? 56 HOH A O     1 
HETATM 344 O O     . HOH C 2 . ? -10.906 -2.376  6.846   1.00 36.59 ? 59 HOH A O     1 
HETATM 345 O O     . HOH C 2 . ? -5.954  -3.414  2.949   1.00 27.05 ? 65 HOH A O     1 
HETATM 346 O O     . HOH C 2 . ? -5.128  -7.457  7.710   1.00 40.27 ? 67 HOH A O     1 
HETATM 347 O O     . HOH C 2 . ? -5.509  -4.076  12.239  1.00 53.92 ? 68 HOH A O     1 
HETATM 348 O O     . HOH C 2 . ? 4.734   -3.886  12.111  1.00 34.42 ? 69 HOH A O     1 
HETATM 349 O O     . HOH C 2 . ? 5.588   -5.279  -0.042  1.00 43.58 ? 73 HOH A O     1 
HETATM 350 O O     . HOH C 2 . ? 16.313  -6.688  2.764   1.00 61.64 ? 74 HOH A O     1 
HETATM 351 O O     . HOH C 2 . ? 3.708   -6.595  -1.546  1.00 60.54 ? 75 HOH A O     1 
HETATM 352 O O     . HOH C 2 . ? 9.827   -4.337  1.693   1.00 49.43 ? 86 HOH A O     1 
HETATM 353 O O     . HOH C 2 . ? -2.925  -9.011  1.572   1.00 56.40 ? 88 HOH A O     1 
HETATM 354 O O     . HOH C 2 . ? -1.740  -7.577  4.770   1.00 42.36 ? 89 HOH A O     1 
HETATM 355 O O     . HOH D 2 . ? 2.276   2.575   -2.924  1.00 24.59 ? 19 HOH B O     1 
HETATM 356 O O     . HOH D 2 . ? -3.950  -9.253  -10.960 1.00 18.29 ? 20 HOH B O     1 
HETATM 357 O O     . HOH D 2 . ? 4.645   4.296   -1.319  1.00 37.60 ? 25 HOH B O     1 
HETATM 358 O O     . HOH D 2 . ? 7.655   13.390  6.146   1.00 40.65 ? 27 HOH B O     1 
HETATM 359 O O     . HOH D 2 . ? 5.144   14.185  9.538   1.00 30.58 ? 28 HOH B O     1 
HETATM 360 O O     . HOH D 2 . ? -3.421  7.850   1.386   1.00 21.02 ? 32 HOH B O     1 
HETATM 361 O O     . HOH D 2 . ? 10.440  9.799   12.009  1.00 51.39 ? 33 HOH B O     1 
HETATM 362 O O     . HOH D 2 . ? 5.493   13.627  6.894   1.00 13.77 ? 34 HOH B O     1 
HETATM 363 O O     . HOH D 2 . ? 5.484   3.037   -8.258  1.00 45.72 ? 39 HOH B O     1 
HETATM 364 O O     . HOH D 2 . ? 6.153   7.403   -14.162 1.00 26.77 ? 41 HOH B O     1 
HETATM 365 O O     . HOH D 2 . ? 4.188   -1.171  -7.970  1.00 24.30 ? 43 HOH B O     1 
HETATM 366 O O     . HOH D 2 . ? 3.943   11.019  -6.222  1.00 30.15 ? 44 HOH B O     1 
HETATM 367 O O     . HOH D 2 . ? 2.172   4.453   -4.955  1.00 38.70 ? 45 HOH B O     1 
HETATM 368 O O     . HOH D 2 . ? -2.278  -6.296  -2.069  1.00 21.68 ? 46 HOH B O     1 
HETATM 369 O O     . HOH D 2 . ? 9.308   6.023   14.334  1.00 59.28 ? 47 HOH B O     1 
HETATM 370 O O     . HOH D 2 . ? 1.396   15.405  1.846   1.00 23.64 ? 51 HOH B O     1 
HETATM 371 O O     . HOH D 2 . ? -2.717  -12.875 0.191   1.00 20.67 ? 52 HOH B O     1 
HETATM 372 O O     . HOH D 2 . ? -0.662  -14.934 -1.371  1.00 29.84 ? 53 HOH B O     1 
HETATM 373 O O     . HOH D 2 . ? 7.025   6.355   0.577   1.00 26.15 ? 54 HOH B O     1 
HETATM 374 O O     . HOH D 2 . ? 1.666   -12.014 1.049   1.00 29.31 ? 57 HOH B O     1 
HETATM 375 O O     . HOH D 2 . ? 7.390   -3.923  -9.387  1.00 21.12 ? 58 HOH B O     1 
HETATM 376 O O     . HOH D 2 . ? 10.840  7.135   -2.347  1.00 28.78 ? 60 HOH B O     1 
HETATM 377 O O     . HOH D 2 . ? -5.534  -7.384  -1.469  1.00 38.52 ? 61 HOH B O     1 
HETATM 378 O O     . HOH D 2 . ? -0.067  -4.946  -2.728  1.00 22.50 ? 62 HOH B O     1 
HETATM 379 O O     . HOH D 2 . ? 5.852   -5.890  -4.283  1.00 53.73 ? 63 HOH B O     1 
HETATM 380 O O     . HOH D 2 . ? 2.710   -3.218  -5.544  1.00 43.41 ? 64 HOH B O     1 
HETATM 381 O O     . HOH D 2 . ? 4.513   7.757   -6.812  1.00 39.85 ? 66 HOH B O     1 
HETATM 382 O O     . HOH D 2 . ? 1.699   4.984   -10.898 1.00 52.89 ? 70 HOH B O     1 
HETATM 383 O O     . HOH D 2 . ? 3.271   -15.501 -5.047  1.00 38.49 ? 71 HOH B O     1 
HETATM 384 O O     . HOH D 2 . ? 0.473   -16.169 -3.379  1.00 25.26 ? 72 HOH B O     1 
HETATM 385 O O     . HOH D 2 . ? 5.735   12.975  -0.157  1.00 28.20 ? 76 HOH B O     1 
HETATM 386 O O     . HOH D 2 . ? 3.776   0.330   -11.668 1.00 55.46 ? 77 HOH B O     1 
HETATM 387 O O     . HOH D 2 . ? 10.529  3.748   -9.292  1.00 44.49 ? 78 HOH B O     1 
HETATM 388 O O     . HOH D 2 . ? 0.715   -1.722  -1.604  1.00 28.47 ? 79 HOH B O     1 
HETATM 389 O O     . HOH D 2 . ? 1.448   -6.196  -5.594  1.00 42.05 ? 80 HOH B O     1 
HETATM 390 O O     . HOH D 2 . ? 5.014   -0.537  -5.194  1.00 40.43 ? 81 HOH B O     1 
HETATM 391 O O     . HOH D 2 . ? -0.989  15.293  -4.144  1.00 39.36 ? 82 HOH B O     1 
HETATM 392 O O     . HOH D 2 . ? -3.606  10.781  0.430   1.00 36.12 ? 83 HOH B O     1 
HETATM 393 O O     . HOH D 2 . ? 5.970   4.478   -5.603  1.00 31.54 ? 84 HOH B O     1 
HETATM 394 O O     . HOH D 2 . ? 8.170   -0.639  -4.754  1.00 43.32 ? 85 HOH B O     1 
HETATM 395 O O     . HOH D 2 . ? 12.237  6.747   -4.170  1.00 61.93 ? 87 HOH B O     1 
HETATM 396 O O     . HOH D 2 . ? 5.821   -8.287  -9.085  1.00 33.75 ? 90 HOH B O     1 
HETATM 397 O O     . HOH D 2 . ? 4.265   15.524  2.482   1.00 57.84 ? 91 HOH B O     1 
HETATM 398 O O     . HOH D 2 . ? 6.635   -6.289  -7.746  1.00 52.40 ? 92 HOH B O     1 
HETATM 399 O O     . HOH D 2 . ? 7.974   6.830   -3.502  1.00 56.01 ? 93 HOH B O     1 
# 
